data_5ER6
#
_entry.id   5ER6
#
_cell.length_a   52.010
_cell.length_b   94.810
_cell.length_c   99.490
_cell.angle_alpha   90.000
_cell.angle_beta   99.540
_cell.angle_gamma   90.000
#
_symmetry.space_group_name_H-M   'P 1 21 1'
#
loop_
_entity.id
_entity.type
_entity.pdbx_description
1 polymer 'Oxidoreductase, short chain dehydrogenase/reductase family'
2 non-polymer 'ACETATE ION'
3 non-polymer 1,2-ETHANEDIOL
4 water water
#
_entity_poly.entity_id   1
_entity_poly.type   'polypeptide(L)'
_entity_poly.pdbx_seq_one_letter_code
;HMELLKEKLVLVTGAGRGLGAAISSGAAEQGARVILVDIDGTAAKAQADALTAKGFVAEGHALDVTDRDAVAALADDILS
RFGGLDVLVNNAGVAGRAAFDQPEAVEVWDRVIGVNLEGAFNVSHALVPALKAAKGNVVHLCSVAGFVSGGSTAGYVVSK
GAIRSLTQVMARDLAPHGIRVNAVAPGIMMSEMAVAQLNRPGGTDWFMNRVMMKRIGETSEVVDPVVFLASPMASYITGT
ILPVDGGFLAA
;
_entity_poly.pdbx_strand_id   A,B,C,D
#
# COMPACT_ATOMS: atom_id res chain seq x y z
N HIS A 1 18.24 -21.53 21.51
CA HIS A 1 18.71 -20.90 22.74
C HIS A 1 17.78 -19.76 23.16
N MET A 2 17.06 -19.19 22.19
CA MET A 2 16.12 -18.13 22.52
C MET A 2 14.82 -18.66 23.11
N GLU A 3 14.41 -19.87 22.70
CA GLU A 3 13.18 -20.51 23.17
C GLU A 3 11.93 -19.68 22.88
N LEU A 4 11.89 -19.00 21.72
CA LEU A 4 10.73 -18.17 21.41
C LEU A 4 9.46 -18.99 21.24
N LEU A 5 9.58 -20.28 20.91
CA LEU A 5 8.43 -21.13 20.69
C LEU A 5 8.43 -22.31 21.66
N LYS A 6 8.98 -22.11 22.86
CA LYS A 6 9.17 -23.21 23.81
C LYS A 6 7.87 -23.98 24.05
N GLU A 7 7.92 -25.28 23.78
CA GLU A 7 6.84 -26.24 24.02
C GLU A 7 5.59 -25.96 23.18
N LYS A 8 5.69 -25.12 22.15
CA LYS A 8 4.56 -24.91 21.27
C LYS A 8 4.52 -25.98 20.18
N LEU A 9 3.32 -26.37 19.78
CA LEU A 9 3.12 -27.28 18.67
C LEU A 9 2.96 -26.47 17.39
N VAL A 10 3.83 -26.73 16.41
CA VAL A 10 3.89 -25.99 15.16
C VAL A 10 3.63 -26.95 14.01
N LEU A 11 2.71 -26.61 13.12
CA LEU A 11 2.47 -27.37 11.90
C LEU A 11 2.98 -26.55 10.72
N VAL A 12 3.84 -27.15 9.90
CA VAL A 12 4.40 -26.49 8.71
C VAL A 12 4.00 -27.31 7.49
N THR A 13 3.34 -26.68 6.52
CA THR A 13 3.04 -27.34 5.26
C THR A 13 4.16 -27.09 4.26
N GLY A 14 4.26 -27.98 3.26
CA GLY A 14 5.39 -27.90 2.34
C GLY A 14 6.72 -28.04 3.04
N ALA A 15 6.79 -28.88 4.07
CA ALA A 15 7.95 -28.93 4.94
C ALA A 15 8.98 -29.96 4.51
N GLY A 16 8.78 -30.61 3.37
CA GLY A 16 9.74 -31.63 2.96
C GLY A 16 10.98 -31.10 2.26
N ARG A 17 10.97 -29.83 1.86
CA ARG A 17 12.05 -29.25 1.07
C ARG A 17 12.17 -27.77 1.39
N GLY A 18 13.32 -27.21 1.03
CA GLY A 18 13.45 -25.76 0.90
C GLY A 18 13.08 -24.99 2.15
N LEU A 19 12.40 -23.86 1.93
CA LEU A 19 12.06 -22.97 3.04
C LEU A 19 11.20 -23.66 4.09
N GLY A 20 10.26 -24.51 3.66
CA GLY A 20 9.41 -25.19 4.62
C GLY A 20 10.21 -26.08 5.57
N ALA A 21 11.19 -26.81 5.02
CA ALA A 21 12.05 -27.62 5.86
C ALA A 21 12.86 -26.73 6.81
N ALA A 22 13.30 -25.57 6.33
CA ALA A 22 14.11 -24.66 7.13
C ALA A 22 13.29 -24.01 8.24
N ILE A 23 12.03 -23.67 7.95
CA ILE A 23 11.14 -23.16 8.98
C ILE A 23 10.91 -24.22 10.06
N SER A 24 10.71 -25.46 9.65
CA SER A 24 10.51 -26.55 10.61
C SER A 24 11.71 -26.68 11.52
N SER A 25 12.92 -26.67 10.95
CA SER A 25 14.13 -26.75 11.78
CA SER A 25 14.13 -26.75 11.78
CA SER A 25 14.14 -26.74 11.76
C SER A 25 14.27 -25.54 12.69
N GLY A 26 14.01 -24.34 12.14
CA GLY A 26 14.13 -23.15 12.96
C GLY A 26 13.14 -23.13 14.11
N ALA A 27 11.92 -23.60 13.87
CA ALA A 27 10.94 -23.69 14.96
C ALA A 27 11.39 -24.66 16.04
N ALA A 28 11.93 -25.83 15.63
CA ALA A 28 12.44 -26.79 16.61
C ALA A 28 13.58 -26.18 17.42
N GLU A 29 14.48 -25.45 16.76
CA GLU A 29 15.58 -24.82 17.49
CA GLU A 29 15.58 -24.82 17.49
C GLU A 29 15.08 -23.80 18.51
N GLN A 30 13.91 -23.22 18.27
CA GLN A 30 13.29 -22.29 19.21
C GLN A 30 12.38 -23.01 20.21
N GLY A 31 12.46 -24.34 20.30
CA GLY A 31 11.80 -25.07 21.36
C GLY A 31 10.49 -25.72 20.98
N ALA A 32 10.10 -25.64 19.72
CA ALA A 32 8.79 -26.15 19.32
C ALA A 32 8.85 -27.65 19.05
N ARG A 33 7.69 -28.30 19.25
CA ARG A 33 7.42 -29.61 18.70
C ARG A 33 6.80 -29.40 17.33
N VAL A 34 7.33 -30.06 16.30
CA VAL A 34 6.96 -29.70 14.93
C VAL A 34 6.30 -30.88 14.22
N ILE A 35 5.18 -30.59 13.54
CA ILE A 35 4.56 -31.53 12.61
C ILE A 35 4.87 -31.03 11.23
N LEU A 36 5.59 -31.83 10.45
CA LEU A 36 5.99 -31.49 9.09
C LEU A 36 5.11 -32.25 8.12
N VAL A 37 4.45 -31.54 7.21
CA VAL A 37 3.69 -32.24 6.18
C VAL A 37 4.12 -31.73 4.80
N ASP A 38 3.96 -32.59 3.80
CA ASP A 38 4.40 -32.30 2.44
C ASP A 38 3.62 -33.18 1.50
N ILE A 39 3.41 -32.72 0.27
CA ILE A 39 2.81 -33.59 -0.73
C ILE A 39 3.59 -34.91 -0.82
N ASP A 40 4.90 -34.86 -0.62
CA ASP A 40 5.77 -36.03 -0.62
C ASP A 40 5.95 -36.44 0.84
N GLY A 41 5.17 -37.44 1.28
CA GLY A 41 5.28 -37.87 2.67
C GLY A 41 6.66 -38.40 3.00
N THR A 42 7.33 -39.02 2.04
CA THR A 42 8.67 -39.52 2.31
C THR A 42 9.63 -38.37 2.61
N ALA A 43 9.47 -37.23 1.95
CA ALA A 43 10.33 -36.08 2.21
C ALA A 43 10.03 -35.47 3.57
N ALA A 44 8.73 -35.35 3.90
CA ALA A 44 8.39 -34.82 5.22
C ALA A 44 8.94 -35.72 6.32
N LYS A 45 8.86 -37.03 6.13
CA LYS A 45 9.37 -37.93 7.16
C LYS A 45 10.89 -37.90 7.23
N ALA A 46 11.57 -37.74 6.09
CA ALA A 46 13.03 -37.62 6.12
C ALA A 46 13.46 -36.38 6.90
N GLN A 47 12.77 -35.26 6.68
CA GLN A 47 13.10 -34.05 7.42
C GLN A 47 12.77 -34.21 8.90
N ALA A 48 11.62 -34.81 9.22
CA ALA A 48 11.26 -34.99 10.62
C ALA A 48 12.22 -35.96 11.30
N ASP A 49 12.59 -37.04 10.61
CA ASP A 49 13.52 -38.00 11.20
C ASP A 49 14.88 -37.37 11.46
N ALA A 50 15.31 -36.44 10.63
CA ALA A 50 16.59 -35.77 10.86
C ALA A 50 16.50 -34.87 12.08
N LEU A 51 15.35 -34.21 12.28
CA LEU A 51 15.17 -33.42 13.48
C LEU A 51 15.12 -34.31 14.72
N THR A 52 14.44 -35.45 14.64
CA THR A 52 14.44 -36.39 15.77
C THR A 52 15.85 -36.87 16.09
N ALA A 53 16.62 -37.21 15.06
CA ALA A 53 17.99 -37.65 15.28
C ALA A 53 18.84 -36.57 15.94
N LYS A 54 18.55 -35.30 15.62
CA LYS A 54 19.31 -34.20 16.19
C LYS A 54 18.96 -33.98 17.65
N GLY A 55 17.82 -34.47 18.09
CA GLY A 55 17.43 -34.32 19.48
C GLY A 55 16.13 -33.55 19.68
N PHE A 56 15.44 -33.23 18.60
CA PHE A 56 14.19 -32.49 18.67
C PHE A 56 13.00 -33.46 18.65
N VAL A 57 11.81 -32.91 18.86
CA VAL A 57 10.57 -33.69 18.80
C VAL A 57 9.80 -33.27 17.55
N ALA A 58 9.61 -34.21 16.62
CA ALA A 58 9.09 -33.89 15.29
C ALA A 58 8.48 -35.15 14.68
N GLU A 59 7.52 -34.94 13.78
CA GLU A 59 6.94 -36.05 13.04
C GLU A 59 6.58 -35.55 11.65
N GLY A 60 6.57 -36.47 10.68
CA GLY A 60 6.29 -36.12 9.30
C GLY A 60 5.16 -36.95 8.73
N HIS A 61 4.39 -36.32 7.83
CA HIS A 61 3.28 -36.98 7.14
C HIS A 61 3.12 -36.43 5.74
N ALA A 62 2.52 -37.25 4.88
CA ALA A 62 2.03 -36.75 3.60
C ALA A 62 0.78 -35.91 3.82
N LEU A 63 0.70 -34.78 3.11
CA LEU A 63 -0.55 -34.02 3.03
C LEU A 63 -0.62 -33.32 1.69
N ASP A 64 -1.70 -33.59 0.95
CA ASP A 64 -2.06 -32.81 -0.24
C ASP A 64 -2.98 -31.69 0.22
N VAL A 65 -2.47 -30.45 0.24
CA VAL A 65 -3.27 -29.34 0.76
C VAL A 65 -4.49 -29.05 -0.11
N THR A 66 -4.54 -29.59 -1.34
CA THR A 66 -5.71 -29.39 -2.20
C THR A 66 -6.81 -30.40 -1.92
N ASP A 67 -6.57 -31.40 -1.06
CA ASP A 67 -7.53 -32.48 -0.77
C ASP A 67 -8.23 -32.16 0.55
N ARG A 68 -9.46 -31.65 0.46
CA ARG A 68 -10.15 -31.20 1.66
C ARG A 68 -10.39 -32.33 2.64
N ASP A 69 -10.65 -33.54 2.14
CA ASP A 69 -10.83 -34.68 3.04
C ASP A 69 -9.54 -34.99 3.79
N ALA A 70 -8.40 -34.97 3.10
CA ALA A 70 -7.13 -35.23 3.78
C ALA A 70 -6.83 -34.15 4.80
N VAL A 71 -7.12 -32.90 4.45
CA VAL A 71 -6.85 -31.80 5.36
C VAL A 71 -7.70 -31.92 6.61
N ALA A 72 -8.99 -32.25 6.43
CA ALA A 72 -9.87 -32.45 7.58
C ALA A 72 -9.37 -33.57 8.48
N ALA A 73 -8.88 -34.65 7.88
CA ALA A 73 -8.40 -35.79 8.67
C ALA A 73 -7.20 -35.38 9.53
N LEU A 74 -6.29 -34.59 8.98
CA LEU A 74 -5.14 -34.11 9.76
C LEU A 74 -5.58 -33.19 10.89
N ALA A 75 -6.51 -32.27 10.60
CA ALA A 75 -7.01 -31.37 11.63
C ALA A 75 -7.67 -32.14 12.76
N ASP A 76 -8.47 -33.16 12.42
CA ASP A 76 -9.09 -33.99 13.44
C ASP A 76 -8.06 -34.73 14.27
N ASP A 77 -6.98 -35.20 13.62
CA ASP A 77 -5.95 -35.94 14.33
C ASP A 77 -5.20 -35.05 15.29
N ILE A 78 -4.88 -33.82 14.86
CA ILE A 78 -4.18 -32.87 15.73
C ILE A 78 -5.04 -32.51 16.93
N LEU A 79 -6.33 -32.22 16.69
CA LEU A 79 -7.20 -31.86 17.80
C LEU A 79 -7.34 -33.02 18.78
N SER A 80 -7.48 -34.24 18.27
CA SER A 80 -7.67 -35.40 19.14
C SER A 80 -6.41 -35.72 19.93
N ARG A 81 -5.25 -35.66 19.26
CA ARG A 81 -4.01 -36.10 19.90
C ARG A 81 -3.40 -35.03 20.79
N PHE A 82 -3.50 -33.77 20.36
CA PHE A 82 -2.84 -32.67 21.07
C PHE A 82 -3.78 -31.67 21.69
N GLY A 83 -5.06 -31.65 21.31
CA GLY A 83 -6.02 -30.74 21.90
C GLY A 83 -5.99 -29.33 21.35
N GLY A 84 -5.10 -29.04 20.42
CA GLY A 84 -5.02 -27.72 19.82
C GLY A 84 -3.76 -27.62 19.01
N LEU A 85 -3.58 -26.44 18.40
CA LEU A 85 -2.41 -26.16 17.57
C LEU A 85 -1.93 -24.76 17.91
N ASP A 86 -0.64 -24.63 18.24
CA ASP A 86 -0.12 -23.33 18.65
C ASP A 86 0.28 -22.46 17.46
N VAL A 87 0.82 -23.04 16.38
CA VAL A 87 1.24 -22.25 15.22
C VAL A 87 0.94 -23.05 13.97
N LEU A 88 0.31 -22.39 13.00
CA LEU A 88 0.19 -22.92 11.63
C LEU A 88 1.03 -22.06 10.71
N VAL A 89 1.92 -22.69 9.95
CA VAL A 89 2.69 -21.99 8.92
C VAL A 89 2.25 -22.56 7.58
N ASN A 90 1.56 -21.73 6.78
CA ASN A 90 1.10 -22.16 5.46
C ASN A 90 2.21 -21.85 4.47
N ASN A 91 3.13 -22.79 4.32
CA ASN A 91 4.27 -22.57 3.45
C ASN A 91 4.14 -23.26 2.09
N ALA A 92 3.33 -24.32 1.99
CA ALA A 92 3.20 -25.04 0.73
C ALA A 92 2.87 -24.08 -0.41
N GLY A 93 3.64 -24.18 -1.49
CA GLY A 93 3.43 -23.25 -2.58
C GLY A 93 4.21 -23.67 -3.80
N VAL A 94 3.71 -23.25 -4.96
CA VAL A 94 4.37 -23.54 -6.23
C VAL A 94 4.31 -22.28 -7.08
N ALA A 95 5.10 -22.28 -8.14
CA ALA A 95 5.10 -21.18 -9.10
C ALA A 95 5.02 -21.79 -10.50
N GLY A 96 5.43 -21.02 -11.49
CA GLY A 96 5.31 -21.48 -12.87
C GLY A 96 5.75 -20.36 -13.77
N ARG A 97 5.82 -20.68 -15.06
CA ARG A 97 6.21 -19.67 -16.04
C ARG A 97 5.20 -19.69 -17.16
N ALA A 98 4.56 -18.55 -17.39
CA ALA A 98 3.63 -18.36 -18.49
C ALA A 98 3.21 -16.91 -18.49
N ALA A 99 3.27 -16.24 -19.65
CA ALA A 99 2.71 -14.91 -19.76
C ALA A 99 1.20 -14.97 -19.96
N PHE A 100 0.53 -13.88 -19.58
CA PHE A 100 -0.93 -13.90 -19.53
C PHE A 100 -1.55 -14.17 -20.89
N ASP A 101 -0.90 -13.76 -21.98
CA ASP A 101 -1.48 -13.91 -23.32
C ASP A 101 -1.17 -15.26 -23.94
N GLN A 102 -0.57 -16.15 -23.22
CA GLN A 102 -0.31 -17.49 -23.75
C GLN A 102 -1.37 -18.47 -23.26
N PRO A 103 -1.74 -19.46 -24.08
CA PRO A 103 -2.69 -20.48 -23.61
CA PRO A 103 -2.69 -20.47 -23.62
C PRO A 103 -2.21 -21.23 -22.39
N GLU A 104 -0.89 -21.43 -22.26
CA GLU A 104 -0.31 -22.14 -21.13
C GLU A 104 -0.58 -21.45 -19.80
N ALA A 105 -0.98 -20.17 -19.83
CA ALA A 105 -1.24 -19.45 -18.60
C ALA A 105 -2.41 -20.07 -17.83
N VAL A 106 -3.34 -20.73 -18.52
CA VAL A 106 -4.52 -21.29 -17.86
C VAL A 106 -4.13 -22.48 -16.98
N GLU A 107 -3.39 -23.43 -17.54
CA GLU A 107 -2.98 -24.58 -16.73
C GLU A 107 -2.10 -24.17 -15.57
N VAL A 108 -1.21 -23.19 -15.80
CA VAL A 108 -0.35 -22.70 -14.73
C VAL A 108 -1.18 -21.99 -13.67
N TRP A 109 -2.12 -21.15 -14.11
CA TRP A 109 -3.03 -20.48 -13.19
C TRP A 109 -3.76 -21.49 -12.30
N ASP A 110 -4.36 -22.50 -12.91
CA ASP A 110 -5.15 -23.46 -12.14
C ASP A 110 -4.30 -24.17 -11.10
N ARG A 111 -3.07 -24.57 -11.49
CA ARG A 111 -2.21 -25.29 -10.56
C ARG A 111 -1.76 -24.39 -9.42
N VAL A 112 -1.32 -23.18 -9.75
CA VAL A 112 -0.75 -22.29 -8.73
C VAL A 112 -1.83 -21.77 -7.79
N ILE A 113 -2.97 -21.31 -8.32
CA ILE A 113 -4.09 -20.92 -7.47
C ILE A 113 -4.52 -22.08 -6.60
N GLY A 114 -4.50 -23.30 -7.15
CA GLY A 114 -4.99 -24.44 -6.41
C GLY A 114 -4.16 -24.75 -5.17
N VAL A 115 -2.83 -24.71 -5.30
CA VAL A 115 -1.99 -24.98 -4.13
C VAL A 115 -1.90 -23.76 -3.24
N ASN A 116 -1.56 -22.61 -3.82
CA ASN A 116 -1.14 -21.46 -3.01
C ASN A 116 -2.32 -20.81 -2.30
N LEU A 117 -3.43 -20.61 -3.01
CA LEU A 117 -4.57 -19.94 -2.42
C LEU A 117 -5.56 -20.94 -1.85
N GLU A 118 -6.05 -21.85 -2.69
CA GLU A 118 -7.08 -22.77 -2.21
C GLU A 118 -6.53 -23.73 -1.16
N GLY A 119 -5.26 -24.14 -1.27
CA GLY A 119 -4.68 -24.99 -0.25
C GLY A 119 -4.51 -24.26 1.06
N ALA A 120 -4.05 -23.00 1.02
CA ALA A 120 -3.93 -22.21 2.25
C ALA A 120 -5.29 -22.03 2.91
N PHE A 121 -6.34 -21.79 2.11
CA PHE A 121 -7.67 -21.69 2.69
C PHE A 121 -8.09 -23.01 3.33
N ASN A 122 -7.87 -24.13 2.62
CA ASN A 122 -8.27 -25.44 3.17
C ASN A 122 -7.65 -25.69 4.53
N VAL A 123 -6.34 -25.51 4.63
CA VAL A 123 -5.62 -25.82 5.85
C VAL A 123 -6.00 -24.82 6.95
N SER A 124 -6.06 -23.53 6.61
CA SER A 124 -6.43 -22.52 7.60
C SER A 124 -7.82 -22.77 8.14
N HIS A 125 -8.79 -22.98 7.26
CA HIS A 125 -10.16 -23.14 7.73
C HIS A 125 -10.31 -24.40 8.56
N ALA A 126 -9.66 -25.49 8.16
CA ALA A 126 -9.83 -26.75 8.88
C ALA A 126 -9.20 -26.71 10.27
N LEU A 127 -8.15 -25.90 10.46
N LEU A 127 -8.14 -25.92 10.45
CA LEU A 127 -7.46 -25.89 11.74
CA LEU A 127 -7.42 -25.88 11.72
C LEU A 127 -7.97 -24.83 12.70
C LEU A 127 -7.99 -24.86 12.71
N VAL A 128 -9.04 -24.11 12.34
CA VAL A 128 -9.58 -23.09 13.25
C VAL A 128 -9.96 -23.67 14.62
N PRO A 129 -10.68 -24.80 14.71
CA PRO A 129 -10.98 -25.32 16.06
C PRO A 129 -9.75 -25.61 16.89
N ALA A 130 -8.70 -26.18 16.28
CA ALA A 130 -7.47 -26.44 17.01
C ALA A 130 -6.76 -25.15 17.40
N LEU A 131 -6.80 -24.14 16.53
CA LEU A 131 -6.16 -22.87 16.86
C LEU A 131 -6.92 -22.14 17.95
N LYS A 132 -8.26 -22.22 17.94
CA LYS A 132 -9.05 -21.64 19.02
C LYS A 132 -8.69 -22.26 20.36
N ALA A 133 -8.56 -23.59 20.39
CA ALA A 133 -8.33 -24.28 21.65
C ALA A 133 -7.01 -23.87 22.29
N ALA A 134 -6.00 -23.59 21.46
CA ALA A 134 -4.68 -23.22 21.94
C ALA A 134 -4.45 -21.72 21.97
N LYS A 135 -5.38 -20.93 21.44
CA LYS A 135 -5.13 -19.52 21.13
C LYS A 135 -3.81 -19.39 20.36
N GLY A 136 -3.73 -20.17 19.28
CA GLY A 136 -2.55 -20.21 18.45
C GLY A 136 -2.55 -19.08 17.44
N ASN A 137 -1.55 -19.08 16.56
CA ASN A 137 -1.48 -18.06 15.53
C ASN A 137 -1.10 -18.69 14.20
N VAL A 138 -1.33 -17.94 13.13
CA VAL A 138 -1.10 -18.39 11.76
C VAL A 138 -0.09 -17.46 11.12
N VAL A 139 0.92 -18.03 10.44
CA VAL A 139 1.79 -17.26 9.57
C VAL A 139 1.65 -17.80 8.15
N HIS A 140 1.15 -16.97 7.24
CA HIS A 140 1.08 -17.34 5.84
C HIS A 140 2.38 -16.97 5.13
N LEU A 141 2.66 -17.67 4.04
CA LEU A 141 3.76 -17.31 3.15
C LEU A 141 3.19 -16.47 2.02
N CYS A 142 3.37 -15.16 2.11
CA CYS A 142 3.03 -14.26 1.02
C CYS A 142 4.29 -14.11 0.15
N SER A 143 4.48 -12.96 -0.49
CA SER A 143 5.60 -12.73 -1.39
C SER A 143 5.62 -11.25 -1.72
N VAL A 144 6.77 -10.74 -2.17
CA VAL A 144 6.76 -9.43 -2.81
C VAL A 144 5.77 -9.39 -3.96
N ALA A 145 5.49 -10.55 -4.59
CA ALA A 145 4.53 -10.60 -5.68
C ALA A 145 3.09 -10.38 -5.22
N GLY A 146 2.83 -10.33 -3.91
CA GLY A 146 1.53 -9.92 -3.40
C GLY A 146 1.34 -8.42 -3.34
N PHE A 147 2.38 -7.66 -3.69
CA PHE A 147 2.36 -6.20 -3.67
C PHE A 147 2.58 -5.58 -5.04
N VAL A 148 3.38 -6.21 -5.89
CA VAL A 148 3.67 -5.76 -7.25
C VAL A 148 3.73 -7.00 -8.13
N SER A 149 3.70 -6.79 -9.45
CA SER A 149 3.71 -7.95 -10.34
C SER A 149 5.09 -8.62 -10.41
N GLY A 150 6.16 -7.84 -10.24
CA GLY A 150 7.48 -8.43 -10.33
C GLY A 150 7.67 -9.25 -11.59
N GLY A 151 8.28 -10.43 -11.43
CA GLY A 151 8.58 -11.30 -12.55
C GLY A 151 7.79 -12.58 -12.57
N SER A 152 6.80 -12.72 -11.70
CA SER A 152 6.10 -13.98 -11.48
C SER A 152 4.92 -14.14 -12.44
N THR A 153 4.53 -15.40 -12.66
CA THR A 153 3.38 -15.68 -13.50
C THR A 153 2.09 -15.20 -12.82
N ALA A 154 1.07 -14.96 -13.65
CA ALA A 154 -0.17 -14.37 -13.15
C ALA A 154 -0.78 -15.16 -12.00
N GLY A 155 -0.84 -16.49 -12.12
CA GLY A 155 -1.40 -17.27 -11.03
C GLY A 155 -0.64 -17.10 -9.72
N TYR A 156 0.67 -16.90 -9.79
CA TYR A 156 1.45 -16.70 -8.58
C TYR A 156 1.19 -15.33 -7.98
N VAL A 157 1.27 -14.28 -8.81
CA VAL A 157 1.01 -12.91 -8.34
C VAL A 157 -0.37 -12.84 -7.69
N VAL A 158 -1.38 -13.37 -8.38
CA VAL A 158 -2.73 -13.32 -7.84
C VAL A 158 -2.87 -14.15 -6.58
N SER A 159 -2.27 -15.35 -6.54
CA SER A 159 -2.36 -16.15 -5.32
C SER A 159 -1.76 -15.41 -4.13
N LYS A 160 -0.69 -14.64 -4.35
CA LYS A 160 -0.02 -14.00 -3.23
C LYS A 160 -0.75 -12.73 -2.81
N GLY A 161 -1.31 -11.98 -3.76
CA GLY A 161 -2.20 -10.89 -3.38
C GLY A 161 -3.44 -11.41 -2.65
N ALA A 162 -3.93 -12.57 -3.07
CA ALA A 162 -5.06 -13.18 -2.38
C ALA A 162 -4.67 -13.55 -0.94
N ILE A 163 -3.47 -14.09 -0.75
N ILE A 163 -3.47 -14.08 -0.75
CA ILE A 163 -2.96 -14.44 0.58
CA ILE A 163 -3.00 -14.44 0.59
C ILE A 163 -2.86 -13.19 1.44
C ILE A 163 -2.82 -13.19 1.46
N ARG A 164 -2.40 -12.08 0.87
CA ARG A 164 -2.36 -10.83 1.61
C ARG A 164 -3.74 -10.48 2.16
N SER A 165 -4.77 -10.60 1.32
CA SER A 165 -6.14 -10.32 1.77
C SER A 165 -6.64 -11.39 2.75
N LEU A 166 -6.30 -12.66 2.50
CA LEU A 166 -6.69 -13.72 3.43
C LEU A 166 -6.14 -13.44 4.83
N THR A 167 -4.90 -12.93 4.90
CA THR A 167 -4.31 -12.57 6.18
C THR A 167 -5.18 -11.57 6.92
N GLN A 168 -5.66 -10.54 6.20
CA GLN A 168 -6.44 -9.50 6.84
C GLN A 168 -7.77 -10.04 7.36
N VAL A 169 -8.48 -10.81 6.54
CA VAL A 169 -9.84 -11.18 6.92
C VAL A 169 -9.83 -12.33 7.92
N MET A 170 -8.85 -13.24 7.83
CA MET A 170 -8.69 -14.21 8.91
C MET A 170 -8.36 -13.52 10.22
N ALA A 171 -7.45 -12.54 10.18
CA ALA A 171 -7.15 -11.80 11.40
C ALA A 171 -8.40 -11.19 11.98
N ARG A 172 -9.25 -10.63 11.11
CA ARG A 172 -10.47 -9.97 11.58
C ARG A 172 -11.38 -10.96 12.29
N ASP A 173 -11.61 -12.10 11.66
CA ASP A 173 -12.60 -13.03 12.18
C ASP A 173 -12.07 -13.87 13.32
N LEU A 174 -10.74 -14.02 13.44
CA LEU A 174 -10.19 -14.86 14.49
C LEU A 174 -9.64 -14.07 15.67
N ALA A 175 -9.53 -12.74 15.54
CA ALA A 175 -9.07 -11.95 16.69
C ALA A 175 -9.93 -12.13 17.94
N PRO A 176 -11.26 -12.20 17.86
CA PRO A 176 -12.05 -12.41 19.09
C PRO A 176 -11.74 -13.72 19.78
N HIS A 177 -11.08 -14.65 19.10
CA HIS A 177 -10.73 -15.94 19.65
C HIS A 177 -9.27 -15.99 20.09
N GLY A 178 -8.60 -14.85 20.12
CA GLY A 178 -7.23 -14.79 20.56
C GLY A 178 -6.22 -15.35 19.59
N ILE A 179 -6.58 -15.43 18.31
CA ILE A 179 -5.73 -15.99 17.26
C ILE A 179 -5.19 -14.86 16.41
N ARG A 180 -3.86 -14.71 16.38
CA ARG A 180 -3.23 -13.75 15.48
C ARG A 180 -2.99 -14.39 14.12
N VAL A 181 -3.07 -13.58 13.06
CA VAL A 181 -2.85 -14.08 11.69
C VAL A 181 -1.99 -13.04 10.97
N ASN A 182 -0.84 -13.46 10.47
CA ASN A 182 0.12 -12.57 9.83
C ASN A 182 0.72 -13.31 8.65
N ALA A 183 1.58 -12.62 7.90
CA ALA A 183 2.29 -13.26 6.81
C ALA A 183 3.67 -12.63 6.67
N VAL A 184 4.60 -13.40 6.14
N VAL A 184 4.56 -13.39 6.06
CA VAL A 184 5.85 -12.83 5.66
CA VAL A 184 5.87 -12.91 5.64
C VAL A 184 5.72 -12.69 4.15
C VAL A 184 5.89 -12.82 4.12
N ALA A 185 6.43 -11.72 3.59
CA ALA A 185 6.46 -11.50 2.14
C ALA A 185 7.92 -11.51 1.69
N PRO A 186 8.48 -12.70 1.43
CA PRO A 186 9.89 -12.76 1.03
C PRO A 186 10.10 -12.29 -0.40
N GLY A 187 11.31 -11.82 -0.64
CA GLY A 187 11.88 -11.81 -1.98
C GLY A 187 12.41 -13.20 -2.26
N ILE A 188 13.45 -13.28 -3.09
CA ILE A 188 14.07 -14.58 -3.33
C ILE A 188 15.00 -14.91 -2.17
N MET A 189 15.01 -16.18 -1.75
CA MET A 189 15.95 -16.63 -0.75
C MET A 189 16.65 -17.88 -1.27
N MET A 190 17.74 -18.26 -0.59
CA MET A 190 18.68 -19.22 -1.18
C MET A 190 18.03 -20.57 -1.45
N SER A 191 17.06 -20.98 -0.62
CA SER A 191 16.44 -22.29 -0.83
C SER A 191 15.78 -22.38 -2.20
N GLU A 192 15.31 -21.25 -2.73
CA GLU A 192 14.68 -21.26 -4.04
C GLU A 192 15.68 -21.42 -5.18
N MET A 193 16.98 -21.33 -4.89
CA MET A 193 18.04 -21.48 -5.89
C MET A 193 18.73 -22.83 -5.82
N ALA A 194 18.24 -23.75 -5.00
CA ALA A 194 19.02 -24.93 -4.66
C ALA A 194 19.12 -25.96 -5.79
N VAL A 195 18.24 -25.90 -6.79
CA VAL A 195 18.25 -26.86 -7.90
C VAL A 195 18.76 -26.11 -9.13
N ALA A 196 20.05 -26.32 -9.46
CA ALA A 196 20.72 -25.48 -10.44
C ALA A 196 20.04 -25.54 -11.81
N GLN A 197 19.63 -26.73 -12.24
CA GLN A 197 19.08 -26.90 -13.58
C GLN A 197 17.76 -26.13 -13.76
N LEU A 198 17.11 -25.75 -12.68
CA LEU A 198 15.86 -25.00 -12.74
C LEU A 198 16.06 -23.50 -12.58
N ASN A 199 17.29 -23.04 -12.37
CA ASN A 199 17.60 -21.61 -12.31
C ASN A 199 17.87 -21.12 -13.73
N ARG A 200 16.84 -20.62 -14.40
CA ARG A 200 17.03 -20.15 -15.76
C ARG A 200 17.96 -18.93 -15.75
N PRO A 201 18.87 -18.82 -16.72
CA PRO A 201 19.78 -17.67 -16.75
C PRO A 201 19.00 -16.38 -16.87
N GLY A 202 19.29 -15.44 -15.98
CA GLY A 202 18.56 -14.19 -15.90
C GLY A 202 17.25 -14.26 -15.14
N GLY A 203 16.87 -15.43 -14.64
CA GLY A 203 15.57 -15.60 -14.01
C GLY A 203 15.41 -14.85 -12.71
N THR A 204 16.51 -14.40 -12.09
CA THR A 204 16.38 -13.61 -10.88
C THR A 204 16.55 -12.12 -11.13
N ASP A 205 16.77 -11.71 -12.37
CA ASP A 205 17.10 -10.30 -12.62
C ASP A 205 15.98 -9.36 -12.20
N TRP A 206 14.72 -9.78 -12.35
CA TRP A 206 13.59 -8.95 -11.92
C TRP A 206 13.74 -8.52 -10.48
N PHE A 207 14.33 -9.37 -9.65
CA PHE A 207 14.50 -9.09 -8.24
C PHE A 207 15.85 -8.42 -7.97
N MET A 208 16.91 -9.00 -8.54
CA MET A 208 18.25 -8.50 -8.27
C MET A 208 18.46 -7.08 -8.79
N ASN A 209 17.73 -6.69 -9.83
CA ASN A 209 17.89 -5.34 -10.33
C ASN A 209 17.29 -4.28 -9.42
N ARG A 210 16.48 -4.68 -8.44
N ARG A 210 16.47 -4.66 -8.42
CA ARG A 210 15.79 -3.75 -7.57
CA ARG A 210 15.81 -3.70 -7.56
C ARG A 210 16.14 -3.88 -6.10
C ARG A 210 16.10 -3.89 -6.08
N VAL A 211 16.54 -5.07 -5.64
CA VAL A 211 16.77 -5.30 -4.23
C VAL A 211 17.90 -4.40 -3.73
N MET A 212 17.67 -3.72 -2.60
CA MET A 212 18.65 -2.74 -2.13
C MET A 212 19.91 -3.41 -1.61
N MET A 213 19.77 -4.58 -0.97
CA MET A 213 20.94 -5.28 -0.46
C MET A 213 21.74 -5.99 -1.54
N LYS A 214 21.26 -6.04 -2.78
CA LYS A 214 22.04 -6.60 -3.90
C LYS A 214 22.48 -8.03 -3.63
N ARG A 215 21.61 -8.79 -2.99
CA ARG A 215 21.90 -10.19 -2.72
C ARG A 215 20.59 -10.92 -2.51
N ILE A 216 20.63 -12.23 -2.77
N ILE A 216 20.61 -12.22 -2.85
CA ILE A 216 19.51 -13.12 -2.45
CA ILE A 216 19.55 -13.13 -2.44
C ILE A 216 19.57 -13.49 -0.98
C ILE A 216 19.61 -13.32 -0.94
N GLY A 217 18.45 -13.40 -0.29
CA GLY A 217 18.44 -13.62 1.14
C GLY A 217 18.85 -15.02 1.52
N GLU A 218 19.54 -15.17 2.65
CA GLU A 218 19.75 -16.50 3.19
C GLU A 218 18.43 -17.06 3.67
N THR A 219 18.26 -18.38 3.53
CA THR A 219 17.00 -18.99 3.96
C THR A 219 16.71 -18.69 5.42
N SER A 220 17.76 -18.70 6.25
CA SER A 220 17.58 -18.41 7.68
C SER A 220 17.08 -16.99 7.91
N GLU A 221 17.33 -16.07 6.97
CA GLU A 221 16.85 -14.70 7.13
C GLU A 221 15.35 -14.58 6.84
N VAL A 222 14.73 -15.61 6.29
CA VAL A 222 13.27 -15.63 6.17
C VAL A 222 12.68 -16.43 7.33
N VAL A 223 13.41 -17.45 7.77
CA VAL A 223 12.98 -18.24 8.92
C VAL A 223 12.83 -17.37 10.17
N ASP A 224 13.83 -16.51 10.44
CA ASP A 224 13.79 -15.69 11.66
C ASP A 224 12.56 -14.79 11.73
N PRO A 225 12.18 -14.05 10.69
CA PRO A 225 10.94 -13.27 10.77
C PRO A 225 9.69 -14.12 10.94
N VAL A 226 9.65 -15.33 10.37
CA VAL A 226 8.52 -16.23 10.62
C VAL A 226 8.43 -16.58 12.11
N VAL A 227 9.57 -16.94 12.72
CA VAL A 227 9.58 -17.26 14.15
C VAL A 227 9.15 -16.04 14.98
N PHE A 228 9.66 -14.86 14.62
CA PHE A 228 9.25 -13.64 15.31
C PHE A 228 7.73 -13.48 15.30
N LEU A 229 7.12 -13.58 14.12
CA LEU A 229 5.67 -13.36 14.03
C LEU A 229 4.89 -14.44 14.77
N ALA A 230 5.44 -15.65 14.87
CA ALA A 230 4.79 -16.74 15.55
C ALA A 230 4.96 -16.68 17.08
N SER A 231 5.74 -15.74 17.58
CA SER A 231 6.18 -15.68 18.96
C SER A 231 5.46 -14.59 19.75
N PRO A 232 5.61 -14.60 21.08
CA PRO A 232 5.04 -13.50 21.88
C PRO A 232 5.68 -12.14 21.64
N MET A 233 6.84 -12.06 20.98
CA MET A 233 7.36 -10.76 20.59
C MET A 233 6.40 -10.01 19.68
N ALA A 234 5.51 -10.74 19.00
CA ALA A 234 4.57 -10.17 18.05
C ALA A 234 3.14 -10.19 18.60
N SER A 235 2.99 -10.14 19.92
CA SER A 235 1.67 -10.33 20.52
C SER A 235 0.71 -9.19 20.24
N TYR A 236 1.16 -8.03 19.76
CA TYR A 236 0.25 -6.97 19.33
C TYR A 236 0.24 -6.81 17.81
N ILE A 237 0.73 -7.80 17.09
CA ILE A 237 0.77 -7.76 15.62
C ILE A 237 -0.21 -8.77 15.08
N THR A 238 -1.20 -8.30 14.32
CA THR A 238 -2.09 -9.20 13.59
C THR A 238 -2.57 -8.50 12.33
N GLY A 239 -2.97 -9.32 11.36
CA GLY A 239 -3.39 -8.79 10.08
C GLY A 239 -2.27 -8.20 9.26
N THR A 240 -1.02 -8.45 9.60
CA THR A 240 0.12 -7.72 9.06
C THR A 240 0.91 -8.59 8.11
N ILE A 241 1.41 -7.99 7.02
CA ILE A 241 2.25 -8.70 6.07
C ILE A 241 3.63 -8.02 6.10
N LEU A 242 4.65 -8.77 6.52
CA LEU A 242 5.98 -8.23 6.75
C LEU A 242 6.90 -8.56 5.57
N PRO A 243 7.32 -7.58 4.77
CA PRO A 243 8.31 -7.89 3.72
C PRO A 243 9.64 -8.31 4.32
N VAL A 244 10.22 -9.35 3.72
CA VAL A 244 11.55 -9.83 4.08
C VAL A 244 12.28 -9.95 2.75
N ASP A 245 12.77 -8.80 2.26
CA ASP A 245 12.99 -8.69 0.82
C ASP A 245 14.21 -7.85 0.47
N GLY A 246 15.10 -7.59 1.43
CA GLY A 246 16.29 -6.84 1.08
C GLY A 246 16.05 -5.42 0.61
N GLY A 247 14.85 -4.88 0.87
CA GLY A 247 14.51 -3.53 0.41
C GLY A 247 13.79 -3.47 -0.92
N PHE A 248 13.51 -4.62 -1.54
CA PHE A 248 12.88 -4.65 -2.86
C PHE A 248 11.63 -3.77 -2.94
N LEU A 249 10.69 -3.94 -2.00
CA LEU A 249 9.43 -3.19 -2.14
C LEU A 249 9.56 -1.70 -1.82
N ALA A 250 10.62 -1.31 -1.09
CA ALA A 250 10.87 0.10 -0.82
C ALA A 250 11.59 0.81 -1.97
N ALA A 251 12.06 0.08 -2.97
CA ALA A 251 12.84 0.66 -4.04
C ALA A 251 11.95 1.22 -5.13
N HIS B 1 -23.24 14.18 -24.28
CA HIS B 1 -22.48 14.68 -25.42
C HIS B 1 -20.98 14.74 -25.12
N MET B 2 -20.54 13.99 -24.11
CA MET B 2 -19.12 14.00 -23.73
C MET B 2 -18.25 13.18 -24.68
N GLU B 3 -18.76 12.04 -25.12
CA GLU B 3 -18.18 11.20 -26.18
C GLU B 3 -16.84 10.58 -25.79
N LEU B 4 -16.64 10.25 -24.52
CA LEU B 4 -15.35 9.70 -24.10
C LEU B 4 -15.06 8.34 -24.72
N LEU B 5 -16.09 7.59 -25.13
CA LEU B 5 -15.98 6.25 -25.67
C LEU B 5 -16.56 6.18 -27.08
N LYS B 6 -16.41 7.26 -27.84
CA LYS B 6 -17.09 7.39 -29.12
C LYS B 6 -16.72 6.24 -30.05
N GLU B 7 -17.75 5.49 -30.47
CA GLU B 7 -17.69 4.40 -31.43
C GLU B 7 -16.81 3.24 -30.94
N LYS B 8 -16.50 3.18 -29.65
CA LYS B 8 -15.75 2.06 -29.10
C LYS B 8 -16.70 0.93 -28.75
N LEU B 9 -16.24 -0.31 -28.93
CA LEU B 9 -17.02 -1.50 -28.58
C LEU B 9 -16.68 -1.92 -27.15
N VAL B 10 -17.70 -2.00 -26.29
CA VAL B 10 -17.53 -2.23 -24.87
C VAL B 10 -18.32 -3.48 -24.48
N LEU B 11 -17.66 -4.43 -23.79
CA LEU B 11 -18.31 -5.61 -23.26
C LEU B 11 -18.38 -5.47 -21.74
N VAL B 12 -19.60 -5.58 -21.18
CA VAL B 12 -19.82 -5.49 -19.74
C VAL B 12 -20.43 -6.81 -19.26
N THR B 13 -19.77 -7.46 -18.29
CA THR B 13 -20.36 -8.65 -17.69
C THR B 13 -21.19 -8.28 -16.47
N GLY B 14 -22.14 -9.16 -16.13
CA GLY B 14 -23.07 -8.83 -15.07
C GLY B 14 -23.91 -7.61 -15.38
N ALA B 15 -24.25 -7.41 -16.66
CA ALA B 15 -24.87 -6.18 -17.13
C ALA B 15 -26.38 -6.19 -17.04
N GLY B 16 -26.98 -7.24 -16.45
CA GLY B 16 -28.44 -7.34 -16.44
C GLY B 16 -29.13 -6.50 -15.39
N ARG B 17 -28.41 -6.02 -14.38
CA ARG B 17 -29.01 -5.24 -13.32
C ARG B 17 -27.91 -4.47 -12.59
N GLY B 18 -28.33 -3.57 -11.72
CA GLY B 18 -27.39 -2.94 -10.79
C GLY B 18 -26.30 -2.14 -11.48
N LEU B 19 -25.09 -2.23 -10.91
CA LEU B 19 -23.98 -1.44 -11.42
C LEU B 19 -23.64 -1.82 -12.86
N GLY B 20 -23.73 -3.11 -13.19
CA GLY B 20 -23.39 -3.51 -14.56
C GLY B 20 -24.31 -2.90 -15.60
N ALA B 21 -25.61 -2.89 -15.32
CA ALA B 21 -26.55 -2.22 -16.20
C ALA B 21 -26.23 -0.72 -16.29
N ALA B 22 -25.83 -0.11 -15.16
CA ALA B 22 -25.57 1.32 -15.15
C ALA B 22 -24.28 1.64 -15.91
N ILE B 23 -23.27 0.77 -15.79
CA ILE B 23 -22.04 0.95 -16.58
C ILE B 23 -22.36 0.83 -18.06
N SER B 24 -23.19 -0.14 -18.43
CA SER B 24 -23.57 -0.30 -19.84
C SER B 24 -24.25 0.95 -20.38
N SER B 25 -25.22 1.47 -19.63
CA SER B 25 -25.90 2.70 -20.05
CA SER B 25 -25.90 2.69 -20.07
CA SER B 25 -25.90 2.70 -20.05
C SER B 25 -24.93 3.87 -20.11
N GLY B 26 -24.07 3.99 -19.09
CA GLY B 26 -23.12 5.09 -19.08
C GLY B 26 -22.14 5.04 -20.24
N ALA B 27 -21.68 3.84 -20.60
CA ALA B 27 -20.79 3.71 -21.74
C ALA B 27 -21.51 4.11 -23.02
N ALA B 28 -22.75 3.65 -23.18
CA ALA B 28 -23.54 4.00 -24.36
C ALA B 28 -23.75 5.52 -24.45
N GLU B 29 -24.00 6.16 -23.32
CA GLU B 29 -24.15 7.61 -23.31
C GLU B 29 -22.86 8.33 -23.66
N GLN B 30 -21.71 7.69 -23.48
CA GLN B 30 -20.43 8.25 -23.88
C GLN B 30 -20.04 7.83 -25.28
N GLY B 31 -20.97 7.27 -26.05
CA GLY B 31 -20.75 6.97 -27.45
C GLY B 31 -20.42 5.54 -27.78
N ALA B 32 -20.37 4.65 -26.79
CA ALA B 32 -19.95 3.28 -27.05
C ALA B 32 -21.08 2.43 -27.64
N ARG B 33 -20.69 1.45 -28.44
CA ARG B 33 -21.52 0.29 -28.78
C ARG B 33 -21.31 -0.75 -27.70
N VAL B 34 -22.39 -1.26 -27.09
CA VAL B 34 -22.25 -2.04 -25.87
C VAL B 34 -22.79 -3.45 -26.06
N ILE B 35 -21.99 -4.44 -25.65
CA ILE B 35 -22.42 -5.82 -25.52
C ILE B 35 -22.65 -6.09 -24.04
N LEU B 36 -23.89 -6.39 -23.67
CA LEU B 36 -24.27 -6.63 -22.29
C LEU B 36 -24.44 -8.13 -22.10
N VAL B 37 -23.72 -8.73 -21.15
CA VAL B 37 -23.93 -10.14 -20.86
C VAL B 37 -24.19 -10.33 -19.37
N ASP B 38 -24.93 -11.39 -19.04
CA ASP B 38 -25.34 -11.63 -17.66
C ASP B 38 -25.73 -13.09 -17.55
N ILE B 39 -25.59 -13.66 -16.34
CA ILE B 39 -26.08 -15.01 -16.11
C ILE B 39 -27.55 -15.11 -16.48
N ASP B 40 -28.30 -14.01 -16.31
CA ASP B 40 -29.70 -13.91 -16.71
C ASP B 40 -29.74 -13.22 -18.07
N GLY B 41 -29.81 -14.03 -19.14
CA GLY B 41 -29.82 -13.46 -20.48
C GLY B 41 -31.03 -12.61 -20.77
N THR B 42 -32.19 -12.96 -20.20
CA THR B 42 -33.38 -12.14 -20.38
C THR B 42 -33.17 -10.73 -19.85
N ALA B 43 -32.50 -10.61 -18.71
CA ALA B 43 -32.20 -9.31 -18.13
C ALA B 43 -31.20 -8.54 -18.98
N ALA B 44 -30.16 -9.22 -19.48
CA ALA B 44 -29.20 -8.54 -20.35
C ALA B 44 -29.87 -8.02 -21.62
N LYS B 45 -30.73 -8.85 -22.22
CA LYS B 45 -31.43 -8.44 -23.44
C LYS B 45 -32.43 -7.31 -23.15
N ALA B 46 -33.08 -7.33 -21.99
CA ALA B 46 -34.00 -6.25 -21.65
C ALA B 46 -33.25 -4.93 -21.48
N GLN B 47 -32.09 -4.95 -20.83
CA GLN B 47 -31.30 -3.73 -20.71
C GLN B 47 -30.83 -3.27 -22.08
N ALA B 48 -30.36 -4.20 -22.91
CA ALA B 48 -29.91 -3.83 -24.25
C ALA B 48 -31.03 -3.25 -25.09
N ASP B 49 -32.23 -3.85 -25.03
CA ASP B 49 -33.35 -3.33 -25.81
C ASP B 49 -33.75 -1.94 -25.35
N ALA B 50 -33.66 -1.67 -24.05
CA ALA B 50 -33.95 -0.33 -23.56
C ALA B 50 -32.94 0.67 -24.11
N LEU B 51 -31.67 0.28 -24.20
CA LEU B 51 -30.66 1.18 -24.74
C LEU B 51 -30.89 1.42 -26.24
N THR B 52 -31.23 0.36 -26.97
CA THR B 52 -31.59 0.52 -28.38
C THR B 52 -32.73 1.51 -28.56
N ALA B 53 -33.77 1.41 -27.71
CA ALA B 53 -34.90 2.30 -27.85
C ALA B 53 -34.53 3.75 -27.54
N LYS B 54 -33.53 3.96 -26.69
CA LYS B 54 -33.05 5.31 -26.39
C LYS B 54 -32.14 5.86 -27.48
N GLY B 55 -31.86 5.10 -28.52
CA GLY B 55 -31.04 5.57 -29.62
C GLY B 55 -29.59 5.15 -29.57
N PHE B 56 -29.26 4.16 -28.75
CA PHE B 56 -27.89 3.68 -28.63
C PHE B 56 -27.74 2.35 -29.37
N VAL B 57 -26.51 1.87 -29.46
CA VAL B 57 -26.19 0.63 -30.14
C VAL B 57 -25.83 -0.40 -29.08
N ALA B 58 -26.64 -1.45 -28.94
CA ALA B 58 -26.47 -2.39 -27.84
C ALA B 58 -27.05 -3.75 -28.21
N GLU B 59 -26.50 -4.79 -27.59
CA GLU B 59 -27.04 -6.15 -27.73
C GLU B 59 -26.79 -6.89 -26.43
N GLY B 60 -27.64 -7.87 -26.14
CA GLY B 60 -27.54 -8.61 -24.90
C GLY B 60 -27.50 -10.11 -25.11
N HIS B 61 -26.81 -10.80 -24.19
CA HIS B 61 -26.70 -12.25 -24.25
C HIS B 61 -26.58 -12.82 -22.85
N ALA B 62 -26.96 -14.09 -22.72
CA ALA B 62 -26.62 -14.84 -21.51
C ALA B 62 -25.16 -15.26 -21.52
N LEU B 63 -24.49 -15.11 -20.37
CA LEU B 63 -23.15 -15.66 -20.22
C LEU B 63 -22.94 -16.08 -18.77
N ASP B 64 -22.52 -17.33 -18.59
CA ASP B 64 -22.03 -17.83 -17.31
C ASP B 64 -20.51 -17.67 -17.34
N VAL B 65 -19.99 -16.70 -16.60
CA VAL B 65 -18.54 -16.45 -16.64
C VAL B 65 -17.73 -17.60 -16.06
N THR B 66 -18.36 -18.55 -15.36
CA THR B 66 -17.66 -19.71 -14.82
C THR B 66 -17.56 -20.85 -15.82
N ASP B 67 -18.16 -20.72 -17.01
CA ASP B 67 -18.16 -21.76 -18.04
C ASP B 67 -17.14 -21.37 -19.09
N ARG B 68 -15.97 -22.01 -19.05
CA ARG B 68 -14.89 -21.60 -19.95
C ARG B 68 -15.24 -21.81 -21.42
N ASP B 69 -16.02 -22.86 -21.73
CA ASP B 69 -16.42 -23.04 -23.12
C ASP B 69 -17.32 -21.91 -23.60
N ALA B 70 -18.27 -21.47 -22.75
CA ALA B 70 -19.18 -20.40 -23.15
C ALA B 70 -18.43 -19.08 -23.28
N VAL B 71 -17.48 -18.85 -22.38
CA VAL B 71 -16.67 -17.64 -22.46
C VAL B 71 -15.86 -17.62 -23.75
N ALA B 72 -15.24 -18.76 -24.09
CA ALA B 72 -14.47 -18.84 -25.32
C ALA B 72 -15.35 -18.62 -26.54
N ALA B 73 -16.58 -19.16 -26.52
CA ALA B 73 -17.48 -18.97 -27.65
C ALA B 73 -17.80 -17.49 -27.84
N LEU B 74 -18.02 -16.77 -26.74
CA LEU B 74 -18.32 -15.35 -26.88
C LEU B 74 -17.11 -14.59 -27.41
N ALA B 75 -15.91 -14.91 -26.93
CA ALA B 75 -14.70 -14.26 -27.41
C ALA B 75 -14.52 -14.49 -28.91
N ASP B 76 -14.72 -15.74 -29.36
CA ASP B 76 -14.61 -16.04 -30.79
C ASP B 76 -15.62 -15.25 -31.60
N ASP B 77 -16.85 -15.14 -31.08
CA ASP B 77 -17.89 -14.39 -31.78
C ASP B 77 -17.52 -12.92 -31.90
N ILE B 78 -17.04 -12.32 -30.81
CA ILE B 78 -16.68 -10.91 -30.84
C ILE B 78 -15.56 -10.66 -31.84
N LEU B 79 -14.54 -11.52 -31.82
CA LEU B 79 -13.43 -11.35 -32.75
C LEU B 79 -13.90 -11.51 -34.19
N SER B 80 -14.77 -12.49 -34.43
CA SER B 80 -15.27 -12.74 -35.78
C SER B 80 -16.16 -11.60 -36.26
N ARG B 81 -17.12 -11.19 -35.44
CA ARG B 81 -18.12 -10.24 -35.89
C ARG B 81 -17.62 -8.80 -35.88
N PHE B 82 -16.70 -8.46 -34.98
CA PHE B 82 -16.28 -7.07 -34.82
C PHE B 82 -14.80 -6.81 -35.08
N GLY B 83 -13.95 -7.84 -35.09
CA GLY B 83 -12.55 -7.65 -35.34
C GLY B 83 -11.72 -7.27 -34.13
N GLY B 84 -12.34 -7.08 -32.97
CA GLY B 84 -11.62 -6.68 -31.79
C GLY B 84 -12.59 -6.23 -30.73
N LEU B 85 -12.03 -5.82 -29.59
CA LEU B 85 -12.82 -5.31 -28.48
C LEU B 85 -12.07 -4.13 -27.89
N ASP B 86 -12.76 -2.99 -27.76
CA ASP B 86 -12.12 -1.80 -27.26
C ASP B 86 -12.08 -1.72 -25.73
N VAL B 87 -13.10 -2.23 -25.04
CA VAL B 87 -13.15 -2.16 -23.58
C VAL B 87 -13.82 -3.42 -23.06
N LEU B 88 -13.20 -4.04 -22.05
CA LEU B 88 -13.82 -5.09 -21.26
C LEU B 88 -14.03 -4.57 -19.84
N VAL B 89 -15.26 -4.65 -19.34
CA VAL B 89 -15.54 -4.33 -17.94
C VAL B 89 -15.96 -5.63 -17.25
N ASN B 90 -15.13 -6.13 -16.33
CA ASN B 90 -15.44 -7.34 -15.56
C ASN B 90 -16.21 -6.92 -14.33
N ASN B 91 -17.54 -6.89 -14.45
CA ASN B 91 -18.39 -6.49 -13.34
C ASN B 91 -19.14 -7.65 -12.71
N ALA B 92 -19.28 -8.79 -13.40
CA ALA B 92 -20.00 -9.93 -12.81
C ALA B 92 -19.40 -10.29 -11.46
N GLY B 93 -20.26 -10.41 -10.46
CA GLY B 93 -19.77 -10.70 -9.13
C GLY B 93 -20.90 -11.02 -8.20
N VAL B 94 -20.54 -11.63 -7.06
CA VAL B 94 -21.50 -11.99 -6.03
C VAL B 94 -20.85 -11.73 -4.68
N ALA B 95 -21.66 -11.72 -3.64
CA ALA B 95 -21.13 -11.66 -2.30
C ALA B 95 -21.77 -12.74 -1.46
N GLY B 96 -21.54 -12.71 -0.16
CA GLY B 96 -22.14 -13.72 0.69
C GLY B 96 -21.92 -13.34 2.13
N ARG B 97 -22.46 -14.18 3.01
CA ARG B 97 -22.41 -13.93 4.45
C ARG B 97 -21.91 -15.18 5.15
N ALA B 98 -20.74 -15.07 5.78
CA ALA B 98 -20.21 -16.13 6.61
C ALA B 98 -18.94 -15.67 7.29
N ALA B 99 -18.81 -15.94 8.58
CA ALA B 99 -17.54 -15.68 9.24
C ALA B 99 -16.59 -16.85 8.99
N PHE B 100 -15.30 -16.57 9.12
CA PHE B 100 -14.29 -17.54 8.72
C PHE B 100 -14.37 -18.81 9.54
N ASP B 101 -14.78 -18.70 10.82
CA ASP B 101 -14.82 -19.86 11.71
C ASP B 101 -16.13 -20.63 11.61
N GLN B 102 -16.93 -20.38 10.60
CA GLN B 102 -18.18 -21.09 10.40
C GLN B 102 -18.06 -22.08 9.25
N PRO B 103 -18.69 -23.25 9.35
CA PRO B 103 -18.64 -24.21 8.25
C PRO B 103 -19.19 -23.64 6.96
N GLU B 104 -20.19 -22.75 7.05
CA GLU B 104 -20.77 -22.12 5.87
C GLU B 104 -19.77 -21.30 5.09
N ALA B 105 -18.64 -20.94 5.69
CA ALA B 105 -17.67 -20.12 4.99
C ALA B 105 -17.14 -20.82 3.74
N VAL B 106 -17.12 -22.16 3.75
CA VAL B 106 -16.54 -22.90 2.63
C VAL B 106 -17.42 -22.76 1.38
N GLU B 107 -18.72 -23.06 1.52
CA GLU B 107 -19.63 -22.90 0.39
C GLU B 107 -19.63 -21.47 -0.12
N VAL B 108 -19.61 -20.50 0.80
CA VAL B 108 -19.62 -19.10 0.39
C VAL B 108 -18.33 -18.76 -0.34
N TRP B 109 -17.19 -19.22 0.20
CA TRP B 109 -15.89 -19.01 -0.43
C TRP B 109 -15.87 -19.56 -1.86
N ASP B 110 -16.30 -20.81 -2.03
CA ASP B 110 -16.27 -21.41 -3.37
C ASP B 110 -17.14 -20.63 -4.36
N ARG B 111 -18.35 -20.25 -3.94
CA ARG B 111 -19.25 -19.52 -4.84
C ARG B 111 -18.66 -18.17 -5.22
N VAL B 112 -18.19 -17.42 -4.21
CA VAL B 112 -17.73 -16.06 -4.46
C VAL B 112 -16.42 -16.05 -5.24
N ILE B 113 -15.46 -16.89 -4.81
CA ILE B 113 -14.21 -17.00 -5.57
C ILE B 113 -14.50 -17.41 -7.01
N GLY B 114 -15.46 -18.31 -7.18
CA GLY B 114 -15.72 -18.85 -8.52
C GLY B 114 -16.19 -17.81 -9.51
N VAL B 115 -17.03 -16.88 -9.07
CA VAL B 115 -17.52 -15.83 -9.96
C VAL B 115 -16.55 -14.66 -10.02
N ASN B 116 -16.15 -14.18 -8.85
CA ASN B 116 -15.45 -12.90 -8.77
C ASN B 116 -14.02 -13.00 -9.29
N LEU B 117 -13.33 -14.08 -8.96
CA LEU B 117 -11.94 -14.22 -9.38
C LEU B 117 -11.82 -15.12 -10.61
N GLU B 118 -12.32 -16.35 -10.51
CA GLU B 118 -12.13 -17.28 -11.61
C GLU B 118 -12.90 -16.84 -12.87
N GLY B 119 -14.08 -16.25 -12.69
CA GLY B 119 -14.80 -15.73 -13.83
C GLY B 119 -14.10 -14.54 -14.49
N ALA B 120 -13.59 -13.61 -13.68
CA ALA B 120 -12.85 -12.49 -14.23
C ALA B 120 -11.60 -12.97 -14.97
N PHE B 121 -10.91 -13.97 -14.42
CA PHE B 121 -9.80 -14.57 -15.14
C PHE B 121 -10.26 -15.16 -16.47
N ASN B 122 -11.33 -15.95 -16.45
CA ASN B 122 -11.80 -16.60 -17.68
C ASN B 122 -12.05 -15.58 -18.77
N VAL B 123 -12.84 -14.56 -18.47
CA VAL B 123 -13.23 -13.57 -19.46
C VAL B 123 -12.03 -12.76 -19.92
N SER B 124 -11.18 -12.34 -18.97
CA SER B 124 -10.00 -11.55 -19.33
C SER B 124 -9.06 -12.33 -20.23
N HIS B 125 -8.77 -13.58 -19.87
CA HIS B 125 -7.83 -14.37 -20.67
C HIS B 125 -8.39 -14.65 -22.05
N ALA B 126 -9.69 -14.95 -22.15
CA ALA B 126 -10.27 -15.32 -23.44
C ALA B 126 -10.32 -14.14 -24.39
N LEU B 127 -10.42 -12.92 -23.88
N LEU B 127 -10.43 -12.92 -23.85
CA LEU B 127 -10.60 -11.78 -24.75
CA LEU B 127 -10.61 -11.74 -24.70
C LEU B 127 -9.29 -11.09 -25.11
C LEU B 127 -9.30 -11.10 -25.12
N VAL B 128 -8.15 -11.65 -24.70
CA VAL B 128 -6.87 -11.05 -25.07
C VAL B 128 -6.70 -10.90 -26.58
N PRO B 129 -6.97 -11.91 -27.41
CA PRO B 129 -6.86 -11.68 -28.86
C PRO B 129 -7.67 -10.50 -29.36
N ALA B 130 -8.93 -10.38 -28.92
CA ALA B 130 -9.75 -9.26 -29.37
C ALA B 130 -9.23 -7.93 -28.83
N LEU B 131 -8.79 -7.90 -27.57
CA LEU B 131 -8.24 -6.67 -27.03
C LEU B 131 -6.94 -6.29 -27.74
N LYS B 132 -6.11 -7.28 -28.11
CA LYS B 132 -4.88 -6.99 -28.84
C LYS B 132 -5.19 -6.34 -30.18
N ALA B 133 -6.19 -6.87 -30.88
CA ALA B 133 -6.46 -6.39 -32.23
C ALA B 133 -6.90 -4.93 -32.22
N ALA B 134 -7.59 -4.50 -31.16
CA ALA B 134 -8.11 -3.15 -31.05
C ALA B 134 -7.25 -2.24 -30.18
N LYS B 135 -6.19 -2.76 -29.58
CA LYS B 135 -5.48 -2.10 -28.49
C LYS B 135 -6.47 -1.54 -27.47
N GLY B 136 -7.34 -2.43 -26.98
CA GLY B 136 -8.36 -2.04 -26.04
C GLY B 136 -7.82 -2.00 -24.62
N ASN B 137 -8.74 -1.83 -23.68
CA ASN B 137 -8.35 -1.80 -22.28
C ASN B 137 -9.38 -2.53 -21.43
N VAL B 138 -8.97 -2.88 -20.21
CA VAL B 138 -9.76 -3.66 -19.28
C VAL B 138 -9.98 -2.82 -18.03
N VAL B 139 -11.20 -2.81 -17.52
CA VAL B 139 -11.49 -2.27 -16.19
C VAL B 139 -12.12 -3.37 -15.36
N HIS B 140 -11.43 -3.78 -14.29
CA HIS B 140 -11.99 -4.75 -13.36
C HIS B 140 -12.77 -4.02 -12.27
N LEU B 141 -13.70 -4.75 -11.64
CA LEU B 141 -14.39 -4.25 -10.45
C LEU B 141 -13.69 -4.81 -9.21
N CYS B 142 -12.85 -3.98 -8.60
CA CYS B 142 -12.24 -4.34 -7.32
C CYS B 142 -13.18 -3.85 -6.21
N SER B 143 -12.64 -3.48 -5.06
CA SER B 143 -13.44 -3.06 -3.92
C SER B 143 -12.52 -2.49 -2.87
N VAL B 144 -13.08 -1.67 -1.97
CA VAL B 144 -12.31 -1.33 -0.77
C VAL B 144 -11.87 -2.59 -0.05
N ALA B 145 -12.62 -3.69 -0.22
CA ALA B 145 -12.26 -4.96 0.42
C ALA B 145 -10.99 -5.58 -0.18
N GLY B 146 -10.49 -5.07 -1.29
CA GLY B 146 -9.20 -5.49 -1.80
C GLY B 146 -8.03 -4.84 -1.10
N PHE B 147 -8.30 -3.91 -0.19
CA PHE B 147 -7.27 -3.19 0.55
C PHE B 147 -7.33 -3.43 2.05
N VAL B 148 -8.52 -3.64 2.60
CA VAL B 148 -8.72 -3.90 4.03
C VAL B 148 -9.84 -4.93 4.13
N SER B 149 -9.96 -5.54 5.31
CA SER B 149 -10.97 -6.60 5.42
C SER B 149 -12.38 -6.01 5.46
N GLY B 150 -12.57 -4.82 6.03
CA GLY B 150 -13.91 -4.27 6.08
C GLY B 150 -14.88 -5.22 6.75
N GLY B 151 -16.08 -5.32 6.19
CA GLY B 151 -17.08 -6.18 6.80
C GLY B 151 -17.53 -7.35 5.93
N SER B 152 -16.87 -7.57 4.81
CA SER B 152 -17.31 -8.59 3.87
C SER B 152 -16.80 -9.98 4.25
N THR B 153 -17.44 -11.00 3.67
CA THR B 153 -17.05 -12.37 3.94
C THR B 153 -15.68 -12.65 3.31
N ALA B 154 -14.97 -13.64 3.90
CA ALA B 154 -13.59 -13.95 3.49
C ALA B 154 -13.47 -14.15 1.98
N GLY B 155 -14.38 -14.93 1.38
CA GLY B 155 -14.26 -15.16 -0.05
C GLY B 155 -14.36 -13.88 -0.88
N TYR B 156 -15.18 -12.93 -0.41
CA TYR B 156 -15.30 -11.66 -1.12
C TYR B 156 -14.02 -10.84 -0.96
N VAL B 157 -13.55 -10.69 0.29
CA VAL B 157 -12.31 -9.95 0.54
C VAL B 157 -11.17 -10.53 -0.28
N VAL B 158 -10.99 -11.86 -0.22
CA VAL B 158 -9.90 -12.49 -0.96
C VAL B 158 -10.08 -12.32 -2.47
N SER B 159 -11.32 -12.45 -2.96
CA SER B 159 -11.51 -12.30 -4.40
C SER B 159 -11.11 -10.89 -4.87
N LYS B 160 -11.37 -9.88 -4.04
CA LYS B 160 -11.06 -8.51 -4.46
C LYS B 160 -9.59 -8.18 -4.28
N GLY B 161 -8.92 -8.70 -3.25
CA GLY B 161 -7.46 -8.55 -3.22
C GLY B 161 -6.82 -9.28 -4.38
N ALA B 162 -7.39 -10.41 -4.77
CA ALA B 162 -6.93 -11.13 -5.94
C ALA B 162 -7.10 -10.31 -7.22
N ILE B 163 -8.22 -9.61 -7.35
CA ILE B 163 -8.46 -8.75 -8.52
C ILE B 163 -7.44 -7.60 -8.55
N ARG B 164 -7.12 -7.02 -7.39
CA ARG B 164 -6.09 -6.00 -7.32
C ARG B 164 -4.77 -6.51 -7.93
N SER B 165 -4.37 -7.72 -7.52
CA SER B 165 -3.15 -8.32 -8.07
C SER B 165 -3.33 -8.68 -9.55
N LEU B 166 -4.51 -9.19 -9.93
CA LEU B 166 -4.74 -9.51 -11.33
C LEU B 166 -4.57 -8.28 -12.21
N THR B 167 -5.02 -7.12 -11.71
CA THR B 167 -4.86 -5.87 -12.44
C THR B 167 -3.39 -5.59 -12.73
N GLN B 168 -2.54 -5.76 -11.71
CA GLN B 168 -1.12 -5.48 -11.88
C GLN B 168 -0.47 -6.41 -12.89
N VAL B 169 -0.71 -7.72 -12.77
CA VAL B 169 0.03 -8.64 -13.63
C VAL B 169 -0.54 -8.68 -15.04
N MET B 170 -1.85 -8.51 -15.21
CA MET B 170 -2.38 -8.32 -16.55
C MET B 170 -1.79 -7.07 -17.19
N ALA B 171 -1.70 -5.98 -16.42
CA ALA B 171 -1.11 -4.76 -16.97
C ALA B 171 0.30 -5.00 -17.45
N ARG B 172 1.10 -5.73 -16.66
CA ARG B 172 2.48 -6.03 -17.04
C ARG B 172 2.54 -6.81 -18.33
N ASP B 173 1.78 -7.89 -18.41
CA ASP B 173 1.90 -8.77 -19.56
C ASP B 173 1.25 -8.21 -20.81
N LEU B 174 0.27 -7.31 -20.68
CA LEU B 174 -0.44 -6.83 -21.85
C LEU B 174 0.02 -5.45 -22.29
N ALA B 175 0.84 -4.77 -21.49
CA ALA B 175 1.43 -3.50 -21.92
C ALA B 175 2.16 -3.60 -23.24
N PRO B 176 2.96 -4.62 -23.52
CA PRO B 176 3.65 -4.66 -24.82
C PRO B 176 2.70 -4.72 -26.00
N HIS B 177 1.44 -5.05 -25.76
CA HIS B 177 0.42 -5.12 -26.79
C HIS B 177 -0.48 -3.90 -26.79
N GLY B 178 -0.13 -2.87 -26.02
CA GLY B 178 -0.89 -1.65 -26.02
C GLY B 178 -2.20 -1.72 -25.30
N ILE B 179 -2.35 -2.66 -24.37
CA ILE B 179 -3.58 -2.88 -23.62
C ILE B 179 -3.38 -2.35 -22.21
N ARG B 180 -4.17 -1.36 -21.81
CA ARG B 180 -4.19 -0.93 -20.41
C ARG B 180 -5.11 -1.80 -19.59
N VAL B 181 -4.77 -1.99 -18.31
CA VAL B 181 -5.60 -2.78 -17.39
C VAL B 181 -5.65 -2.04 -16.06
N ASN B 182 -6.85 -1.69 -15.61
CA ASN B 182 -7.06 -0.95 -14.37
C ASN B 182 -8.27 -1.52 -13.65
N ALA B 183 -8.55 -0.97 -12.47
CA ALA B 183 -9.72 -1.38 -11.71
C ALA B 183 -10.28 -0.20 -10.93
N VAL B 184 -11.57 -0.24 -10.65
N VAL B 184 -11.56 -0.29 -10.60
CA VAL B 184 -12.13 0.67 -9.65
CA VAL B 184 -12.23 0.65 -9.70
C VAL B 184 -12.34 -0.12 -8.38
C VAL B 184 -12.57 -0.07 -8.40
N ALA B 185 -12.31 0.58 -7.26
CA ALA B 185 -12.51 -0.02 -5.93
C ALA B 185 -13.61 0.75 -5.21
N PRO B 186 -14.87 0.43 -5.48
CA PRO B 186 -15.96 1.12 -4.78
C PRO B 186 -16.11 0.66 -3.35
N GLY B 187 -16.77 1.50 -2.57
CA GLY B 187 -17.29 1.04 -1.29
C GLY B 187 -18.65 0.39 -1.49
N ILE B 188 -19.65 0.89 -0.76
CA ILE B 188 -21.05 0.51 -0.97
C ILE B 188 -21.68 1.59 -1.85
N MET B 189 -22.43 1.18 -2.86
CA MET B 189 -23.16 2.14 -3.70
C MET B 189 -24.62 1.71 -3.79
N MET B 190 -25.44 2.62 -4.32
CA MET B 190 -26.89 2.50 -4.20
C MET B 190 -27.41 1.18 -4.78
N SER B 191 -26.85 0.75 -5.90
CA SER B 191 -27.29 -0.48 -6.53
C SER B 191 -26.97 -1.70 -5.67
N GLY B 202 -27.93 -3.67 10.81
CA GLY B 202 -26.86 -2.72 10.55
C GLY B 202 -25.77 -3.27 9.64
N GLY B 203 -26.19 -3.92 8.55
CA GLY B 203 -25.25 -4.58 7.65
C GLY B 203 -24.24 -3.66 7.01
N THR B 204 -24.53 -2.36 6.94
CA THR B 204 -23.64 -1.41 6.28
C THR B 204 -22.88 -0.51 7.24
N ASP B 205 -23.04 -0.71 8.56
CA ASP B 205 -22.40 0.19 9.53
C ASP B 205 -20.89 0.19 9.38
N TRP B 206 -20.30 -0.96 9.05
CA TRP B 206 -18.84 -1.02 8.92
C TRP B 206 -18.36 -0.01 7.90
N PHE B 207 -19.13 0.19 6.83
CA PHE B 207 -18.76 1.19 5.84
C PHE B 207 -19.20 2.57 6.29
N MET B 208 -20.46 2.72 6.68
CA MET B 208 -21.00 4.06 6.95
C MET B 208 -20.29 4.73 8.12
N ASN B 209 -19.79 3.96 9.08
CA ASN B 209 -19.13 4.57 10.22
C ASN B 209 -17.74 5.10 9.88
N ARG B 210 -17.19 4.80 8.70
CA ARG B 210 -15.86 5.24 8.33
C ARG B 210 -15.81 6.14 7.10
N VAL B 211 -16.83 6.12 6.25
CA VAL B 211 -16.81 6.92 5.03
CA VAL B 211 -16.81 6.93 5.03
C VAL B 211 -16.83 8.40 5.38
N MET B 212 -15.89 9.16 4.80
CA MET B 212 -15.79 10.58 5.12
C MET B 212 -17.01 11.34 4.64
N MET B 213 -17.55 10.98 3.48
CA MET B 213 -18.72 11.70 2.99
C MET B 213 -20.01 11.32 3.69
N LYS B 214 -19.99 10.34 4.58
CA LYS B 214 -21.17 9.99 5.39
C LYS B 214 -22.38 9.70 4.53
N ARG B 215 -22.16 9.06 3.39
CA ARG B 215 -23.26 8.71 2.50
C ARG B 215 -22.80 7.57 1.60
N ILE B 216 -23.79 6.83 1.10
CA ILE B 216 -23.55 5.80 0.11
C ILE B 216 -23.42 6.46 -1.25
N GLY B 217 -22.49 5.98 -2.07
CA GLY B 217 -22.29 6.60 -3.36
C GLY B 217 -23.45 6.32 -4.30
N GLU B 218 -23.80 7.33 -5.09
CA GLU B 218 -24.73 7.08 -6.18
C GLU B 218 -24.10 6.16 -7.21
N THR B 219 -24.93 5.35 -7.85
CA THR B 219 -24.42 4.44 -8.87
C THR B 219 -23.68 5.19 -9.97
N SER B 220 -24.20 6.35 -10.37
CA SER B 220 -23.54 7.16 -11.39
C SER B 220 -22.14 7.59 -10.98
N GLU B 221 -21.89 7.68 -9.67
CA GLU B 221 -20.60 8.11 -9.18
C GLU B 221 -19.56 7.01 -9.24
N VAL B 222 -19.98 5.77 -9.50
CA VAL B 222 -19.05 4.68 -9.77
C VAL B 222 -18.91 4.51 -11.28
N VAL B 223 -20.00 4.75 -12.03
CA VAL B 223 -19.95 4.66 -13.48
C VAL B 223 -18.94 5.66 -14.04
N ASP B 224 -18.98 6.91 -13.55
CA ASP B 224 -18.12 7.93 -14.14
C ASP B 224 -16.64 7.56 -14.03
N PRO B 225 -16.12 7.10 -12.89
CA PRO B 225 -14.71 6.69 -12.86
C PRO B 225 -14.41 5.48 -13.74
N VAL B 226 -15.36 4.55 -13.91
CA VAL B 226 -15.14 3.46 -14.87
C VAL B 226 -14.95 4.01 -16.28
N VAL B 227 -15.84 4.90 -16.71
CA VAL B 227 -15.71 5.51 -18.03
C VAL B 227 -14.40 6.28 -18.15
N PHE B 228 -14.01 7.02 -17.10
CA PHE B 228 -12.73 7.70 -17.12
C PHE B 228 -11.59 6.72 -17.41
N LEU B 229 -11.53 5.61 -16.66
CA LEU B 229 -10.41 4.68 -16.82
C LEU B 229 -10.42 4.01 -18.19
N ALA B 230 -11.61 3.81 -18.77
CA ALA B 230 -11.73 3.18 -20.07
C ALA B 230 -11.43 4.12 -21.24
N SER B 231 -11.20 5.41 -20.98
CA SER B 231 -11.14 6.46 -21.97
C SER B 231 -9.71 6.93 -22.18
N PRO B 232 -9.46 7.72 -23.24
CA PRO B 232 -8.13 8.28 -23.44
C PRO B 232 -7.69 9.27 -22.36
N MET B 233 -8.60 9.75 -21.51
CA MET B 233 -8.16 10.57 -20.38
C MET B 233 -7.20 9.80 -19.48
N ALA B 234 -7.25 8.48 -19.53
CA ALA B 234 -6.46 7.61 -18.69
C ALA B 234 -5.36 6.91 -19.49
N SER B 235 -4.91 7.52 -20.60
CA SER B 235 -4.00 6.82 -21.50
C SER B 235 -2.62 6.57 -20.90
N TYR B 236 -2.23 7.23 -19.81
CA TYR B 236 -0.97 6.90 -19.13
C TYR B 236 -1.22 6.18 -17.81
N ILE B 237 -2.42 5.63 -17.63
CA ILE B 237 -2.79 4.91 -16.41
C ILE B 237 -2.92 3.43 -16.73
N THR B 238 -2.09 2.61 -16.11
CA THR B 238 -2.29 1.16 -16.19
C THR B 238 -1.78 0.53 -14.90
N GLY B 239 -2.28 -0.68 -14.63
CA GLY B 239 -1.94 -1.37 -13.40
C GLY B 239 -2.50 -0.77 -12.14
N THR B 240 -3.45 0.16 -12.27
CA THR B 240 -3.87 1.02 -11.17
C THR B 240 -5.28 0.66 -10.68
N ILE B 241 -5.48 0.76 -9.37
CA ILE B 241 -6.78 0.52 -8.74
C ILE B 241 -7.21 1.84 -8.10
N LEU B 242 -8.35 2.37 -8.55
CA LEU B 242 -8.82 3.68 -8.14
C LEU B 242 -9.93 3.52 -7.11
N PRO B 243 -9.72 3.88 -5.84
CA PRO B 243 -10.84 3.87 -4.89
C PRO B 243 -11.91 4.88 -5.28
N VAL B 244 -13.16 4.45 -5.19
CA VAL B 244 -14.33 5.32 -5.39
C VAL B 244 -15.21 5.08 -4.17
N ASP B 245 -14.84 5.71 -3.04
CA ASP B 245 -15.28 5.20 -1.74
C ASP B 245 -15.62 6.31 -0.74
N GLY B 246 -15.81 7.54 -1.20
CA GLY B 246 -16.20 8.60 -0.28
C GLY B 246 -15.20 8.83 0.84
N GLY B 247 -13.94 8.40 0.66
CA GLY B 247 -12.89 8.61 1.64
C GLY B 247 -12.66 7.45 2.59
N PHE B 248 -13.37 6.34 2.41
CA PHE B 248 -13.28 5.21 3.33
C PHE B 248 -11.83 4.76 3.58
N LEU B 249 -11.07 4.50 2.52
CA LEU B 249 -9.73 3.96 2.72
C LEU B 249 -8.74 4.99 3.26
N ALA B 250 -9.06 6.29 3.13
CA ALA B 250 -8.19 7.32 3.70
C ALA B 250 -8.48 7.59 5.18
N ALA B 251 -9.58 7.06 5.72
CA ALA B 251 -9.95 7.32 7.11
C ALA B 251 -9.20 6.42 8.08
N HIS C 1 16.58 -13.70 28.54
CA HIS C 1 17.96 -13.37 28.18
C HIS C 1 18.28 -13.83 26.77
N MET C 2 17.69 -13.16 25.77
CA MET C 2 17.86 -13.58 24.39
C MET C 2 19.11 -12.99 23.74
N GLU C 3 19.68 -11.94 24.33
CA GLU C 3 20.93 -11.35 23.86
C GLU C 3 20.84 -10.84 22.43
N LEU C 4 19.66 -10.38 21.99
CA LEU C 4 19.51 -9.97 20.59
C LEU C 4 20.38 -8.77 20.24
N LEU C 5 20.77 -7.95 21.23
CA LEU C 5 21.59 -6.77 21.00
C LEU C 5 22.90 -6.83 21.79
N LYS C 6 23.44 -8.03 21.97
CA LYS C 6 24.60 -8.23 22.83
C LYS C 6 25.78 -7.36 22.41
N GLU C 7 26.24 -6.50 23.32
CA GLU C 7 27.39 -5.62 23.16
C GLU C 7 27.20 -4.55 22.10
N LYS C 8 25.97 -4.32 21.64
CA LYS C 8 25.72 -3.27 20.67
C LYS C 8 25.49 -1.94 21.39
N LEU C 9 25.95 -0.86 20.75
CA LEU C 9 25.70 0.48 21.27
C LEU C 9 24.42 1.03 20.64
N VAL C 10 23.45 1.39 21.47
CA VAL C 10 22.12 1.80 21.03
C VAL C 10 21.85 3.21 21.52
N LEU C 11 21.49 4.12 20.62
CA LEU C 11 21.08 5.47 20.96
C LEU C 11 19.56 5.58 20.79
N VAL C 12 18.87 6.01 21.85
CA VAL C 12 17.42 6.20 21.81
C VAL C 12 17.11 7.67 22.09
N THR C 13 16.38 8.31 21.18
CA THR C 13 15.91 9.67 21.46
C THR C 13 14.53 9.64 22.10
N GLY C 14 14.20 10.73 22.78
CA GLY C 14 12.99 10.76 23.60
C GLY C 14 12.99 9.69 24.66
N ALA C 15 14.15 9.40 25.23
CA ALA C 15 14.28 8.24 26.12
C ALA C 15 13.96 8.54 27.59
N GLY C 16 13.51 9.74 27.93
CA GLY C 16 13.29 10.08 29.32
C GLY C 16 11.99 9.57 29.92
N ARG C 17 11.06 9.11 29.09
CA ARG C 17 9.76 8.66 29.58
C ARG C 17 9.12 7.76 28.53
N GLY C 18 8.00 7.14 28.93
CA GLY C 18 7.14 6.45 27.98
C GLY C 18 7.86 5.38 27.18
N LEU C 19 7.48 5.30 25.90
CA LEU C 19 8.02 4.25 25.03
C LEU C 19 9.53 4.35 24.91
N GLY C 20 10.07 5.56 24.87
CA GLY C 20 11.51 5.70 24.69
C GLY C 20 12.28 5.15 25.87
N ALA C 21 11.80 5.39 27.08
CA ALA C 21 12.41 4.80 28.26
C ALA C 21 12.32 3.28 28.22
N ALA C 22 11.19 2.75 27.76
CA ALA C 22 11.01 1.30 27.71
C ALA C 22 11.88 0.65 26.64
N ILE C 23 12.06 1.32 25.49
CA ILE C 23 12.97 0.80 24.47
C ILE C 23 14.40 0.77 25.01
N SER C 24 14.78 1.81 25.76
CA SER C 24 16.13 1.85 26.34
C SER C 24 16.32 0.70 27.31
N SER C 25 15.35 0.49 28.21
N SER C 25 15.35 0.49 28.21
CA SER C 25 15.42 -0.62 29.15
CA SER C 25 15.43 -0.62 29.14
C SER C 25 15.43 -1.96 28.42
C SER C 25 15.43 -1.96 28.42
N GLY C 26 14.55 -2.12 27.44
CA GLY C 26 14.48 -3.37 26.71
C GLY C 26 15.75 -3.67 25.94
N ALA C 27 16.39 -2.62 25.41
CA ALA C 27 17.65 -2.82 24.71
C ALA C 27 18.74 -3.26 25.67
N ALA C 28 18.80 -2.64 26.86
CA ALA C 28 19.76 -3.08 27.87
C ALA C 28 19.52 -4.53 28.27
N GLU C 29 18.25 -4.91 28.45
CA GLU C 29 17.95 -6.29 28.82
C GLU C 29 18.33 -7.28 27.72
N GLN C 30 18.44 -6.82 26.48
CA GLN C 30 18.91 -7.62 25.37
C GLN C 30 20.42 -7.50 25.15
N GLY C 31 21.15 -6.90 26.08
CA GLY C 31 22.60 -6.90 26.03
C GLY C 31 23.24 -5.63 25.55
N ALA C 32 22.47 -4.60 25.21
CA ALA C 32 23.02 -3.38 24.64
C ALA C 32 23.62 -2.47 25.70
N ARG C 33 24.60 -1.68 25.27
CA ARG C 33 25.02 -0.47 25.97
C ARG C 33 24.17 0.66 25.41
N VAL C 34 23.56 1.49 26.27
CA VAL C 34 22.50 2.38 25.81
C VAL C 34 22.86 3.83 26.12
N ILE C 35 22.72 4.70 25.12
CA ILE C 35 22.75 6.14 25.30
C ILE C 35 21.32 6.63 25.20
N LEU C 36 20.84 7.23 26.29
CA LEU C 36 19.49 7.77 26.38
C LEU C 36 19.56 9.27 26.28
N VAL C 37 18.83 9.85 25.31
CA VAL C 37 18.75 11.31 25.24
C VAL C 37 17.28 11.74 25.20
N ASP C 38 17.02 12.93 25.73
CA ASP C 38 15.67 13.46 25.85
C ASP C 38 15.77 14.97 25.89
N ILE C 39 14.71 15.65 25.43
CA ILE C 39 14.63 17.10 25.60
C ILE C 39 14.84 17.48 27.07
N ASP C 40 14.33 16.65 27.98
CA ASP C 40 14.53 16.82 29.42
C ASP C 40 15.72 15.95 29.83
N GLY C 41 16.90 16.57 29.95
CA GLY C 41 18.08 15.82 30.31
C GLY C 41 18.00 15.18 31.67
N THR C 42 17.28 15.82 32.62
CA THR C 42 17.10 15.23 33.94
C THR C 42 16.42 13.86 33.84
N ALA C 43 15.39 13.75 33.01
CA ALA C 43 14.68 12.48 32.88
C ALA C 43 15.54 11.44 32.17
N ALA C 44 16.27 11.86 31.13
CA ALA C 44 17.18 10.91 30.47
C ALA C 44 18.20 10.37 31.45
N LYS C 45 18.77 11.25 32.28
CA LYS C 45 19.77 10.80 33.24
C LYS C 45 19.14 9.93 34.32
N ALA C 46 17.90 10.24 34.72
CA ALA C 46 17.24 9.42 35.73
C ALA C 46 16.98 8.01 35.20
N GLN C 47 16.53 7.89 33.95
CA GLN C 47 16.36 6.56 33.36
C GLN C 47 17.70 5.84 33.24
N ALA C 48 18.74 6.56 32.82
CA ALA C 48 20.06 5.95 32.65
C ALA C 48 20.62 5.48 33.98
N ASP C 49 20.47 6.31 35.02
CA ASP C 49 20.99 5.94 36.33
C ASP C 49 20.28 4.72 36.88
N ALA C 50 18.98 4.56 36.60
CA ALA C 50 18.27 3.38 37.06
C ALA C 50 18.81 2.12 36.37
N LEU C 51 19.15 2.22 35.08
CA LEU C 51 19.76 1.09 34.40
C LEU C 51 21.15 0.80 34.94
N THR C 52 21.92 1.84 35.23
CA THR C 52 23.24 1.64 35.84
C THR C 52 23.13 0.93 37.18
N ALA C 53 22.10 1.26 37.97
CA ALA C 53 21.94 0.64 39.27
C ALA C 53 21.61 -0.85 39.17
N LYS C 54 21.17 -1.30 38.00
CA LYS C 54 20.94 -2.72 37.75
C LYS C 54 22.17 -3.41 37.17
N GLY C 55 23.28 -2.71 37.04
CA GLY C 55 24.47 -3.29 36.46
C GLY C 55 24.58 -3.18 34.95
N PHE C 56 23.65 -2.46 34.31
CA PHE C 56 23.77 -2.23 32.88
C PHE C 56 24.71 -1.05 32.61
N VAL C 57 25.12 -0.92 31.36
CA VAL C 57 25.97 0.19 30.94
C VAL C 57 25.08 1.17 30.18
N ALA C 58 24.84 2.33 30.79
CA ALA C 58 23.92 3.32 30.24
C ALA C 58 24.38 4.71 30.63
N GLU C 59 24.02 5.68 29.80
CA GLU C 59 24.29 7.09 30.10
C GLU C 59 23.15 7.91 29.53
N GLY C 60 22.92 9.07 30.13
CA GLY C 60 21.84 9.93 29.72
C GLY C 60 22.32 11.35 29.46
N HIS C 61 21.67 12.01 28.50
CA HIS C 61 21.99 13.40 28.19
C HIS C 61 20.74 14.13 27.73
N ALA C 62 20.77 15.45 27.86
CA ALA C 62 19.78 16.28 27.18
C ALA C 62 20.09 16.35 25.69
N LEU C 63 19.04 16.27 24.86
CA LEU C 63 19.17 16.56 23.44
C LEU C 63 17.86 17.15 22.94
N ASP C 64 17.94 18.34 22.36
CA ASP C 64 16.86 18.92 21.58
C ASP C 64 17.09 18.52 20.13
N VAL C 65 16.27 17.59 19.62
CA VAL C 65 16.49 17.07 18.27
C VAL C 65 16.25 18.13 17.21
N THR C 66 15.61 19.26 17.56
CA THR C 66 15.42 20.35 16.60
C THR C 66 16.63 21.28 16.52
N ASP C 67 17.65 21.10 17.38
CA ASP C 67 18.82 21.96 17.43
C ASP C 67 19.95 21.25 16.69
N ARG C 68 20.20 21.65 15.43
CA ARG C 68 21.19 20.95 14.62
C ARG C 68 22.59 21.04 15.22
N ASP C 69 22.93 22.16 15.86
CA ASP C 69 24.23 22.26 16.52
C ASP C 69 24.36 21.23 17.64
N ALA C 70 23.31 21.06 18.44
CA ALA C 70 23.37 20.11 19.54
C ALA C 70 23.40 18.67 19.02
N VAL C 71 22.65 18.39 17.96
CA VAL C 71 22.69 17.07 17.36
C VAL C 71 24.08 16.77 16.83
N ALA C 72 24.70 17.74 16.16
CA ALA C 72 26.05 17.54 15.64
C ALA C 72 27.04 17.27 16.76
N ALA C 73 26.88 17.98 17.89
CA ALA C 73 27.79 17.80 19.01
C ALA C 73 27.69 16.39 19.56
N LEU C 74 26.47 15.85 19.64
CA LEU C 74 26.29 14.49 20.13
C LEU C 74 26.89 13.48 19.17
N ALA C 75 26.65 13.68 17.86
CA ALA C 75 27.23 12.78 16.85
C ALA C 75 28.75 12.76 16.94
N ASP C 76 29.37 13.95 17.05
CA ASP C 76 30.83 14.02 17.16
C ASP C 76 31.31 13.32 18.42
N ASP C 77 30.58 13.47 19.52
CA ASP C 77 30.94 12.82 20.78
C ASP C 77 30.87 11.30 20.67
N ILE C 78 29.82 10.78 20.02
CA ILE C 78 29.69 9.34 19.86
C ILE C 78 30.82 8.79 19.00
N LEU C 79 31.14 9.49 17.91
CA LEU C 79 32.22 9.04 17.05
C LEU C 79 33.54 9.06 17.79
N SER C 80 33.79 10.10 18.58
CA SER C 80 35.05 10.23 19.29
C SER C 80 35.18 9.17 20.38
N ARG C 81 34.12 8.97 21.16
CA ARG C 81 34.23 8.09 22.32
C ARG C 81 34.01 6.64 21.99
N PHE C 82 33.19 6.35 20.97
CA PHE C 82 32.85 4.97 20.64
C PHE C 82 33.25 4.54 19.25
N GLY C 83 33.39 5.47 18.30
CA GLY C 83 33.82 5.12 16.96
C GLY C 83 32.73 4.59 16.05
N GLY C 84 31.50 4.52 16.52
CA GLY C 84 30.43 3.98 15.71
C GLY C 84 29.19 3.84 16.56
N LEU C 85 28.07 3.58 15.88
CA LEU C 85 26.79 3.43 16.54
C LEU C 85 26.10 2.25 15.91
N ASP C 86 25.68 1.29 16.73
CA ASP C 86 25.10 0.07 16.20
C ASP C 86 23.61 0.19 15.93
N VAL C 87 22.87 0.94 16.74
CA VAL C 87 21.44 1.13 16.54
C VAL C 87 21.09 2.57 16.88
N LEU C 88 20.30 3.22 16.02
CA LEU C 88 19.65 4.49 16.30
C LEU C 88 18.15 4.24 16.33
N VAL C 89 17.50 4.63 17.41
CA VAL C 89 16.04 4.57 17.52
C VAL C 89 15.55 6.01 17.62
N ASN C 90 14.87 6.48 16.58
CA ASN C 90 14.30 7.84 16.56
C ASN C 90 12.92 7.77 17.16
N ASN C 91 12.83 8.02 18.47
CA ASN C 91 11.57 7.93 19.18
C ASN C 91 11.06 9.29 19.64
N ALA C 92 11.90 10.32 19.65
CA ALA C 92 11.45 11.64 20.09
C ALA C 92 10.29 12.09 19.22
N GLY C 93 9.21 12.55 19.86
CA GLY C 93 8.05 12.91 19.09
C GLY C 93 7.01 13.57 19.97
N VAL C 94 6.14 14.34 19.32
CA VAL C 94 5.07 15.04 20.01
C VAL C 94 3.80 14.92 19.17
N ALA C 95 2.68 15.25 19.79
CA ALA C 95 1.42 15.32 19.07
C ALA C 95 0.76 16.65 19.37
N GLY C 96 -0.48 16.81 18.93
CA GLY C 96 -1.20 18.04 19.20
C GLY C 96 -2.64 17.86 18.80
N ARG C 97 -3.44 18.89 19.08
CA ARG C 97 -4.87 18.88 18.80
C ARG C 97 -5.22 20.13 18.02
N ALA C 98 -5.69 19.94 16.79
CA ALA C 98 -6.19 21.02 15.94
C ALA C 98 -6.77 20.44 14.67
N ALA C 99 -7.96 20.91 14.28
CA ALA C 99 -8.52 20.54 12.98
C ALA C 99 -7.93 21.45 11.90
N PHE C 100 -7.91 20.93 10.67
CA PHE C 100 -7.18 21.61 9.60
C PHE C 100 -7.73 23.01 9.35
N ASP C 101 -9.04 23.22 9.51
CA ASP C 101 -9.62 24.51 9.21
C ASP C 101 -9.52 25.49 10.37
N GLN C 102 -8.82 25.15 11.41
CA GLN C 102 -8.66 26.09 12.52
C GLN C 102 -7.32 26.83 12.40
N PRO C 103 -7.27 28.08 12.82
CA PRO C 103 -5.98 28.79 12.79
C PRO C 103 -4.92 28.13 13.63
N GLU C 104 -5.32 27.50 14.75
CA GLU C 104 -4.39 26.80 15.63
C GLU C 104 -3.64 25.68 14.93
N ALA C 105 -4.15 25.18 13.80
CA ALA C 105 -3.48 24.07 13.13
C ALA C 105 -2.10 24.48 12.63
N VAL C 106 -1.86 25.76 12.39
CA VAL C 106 -0.54 26.19 11.88
C VAL C 106 0.52 26.02 12.96
N GLU C 107 0.26 26.56 14.16
CA GLU C 107 1.23 26.42 15.24
C GLU C 107 1.44 24.96 15.61
N VAL C 108 0.37 24.18 15.62
CA VAL C 108 0.49 22.75 15.93
C VAL C 108 1.30 22.05 14.84
N TRP C 109 0.97 22.33 13.57
CA TRP C 109 1.73 21.79 12.46
C TRP C 109 3.23 22.06 12.62
N ASP C 110 3.60 23.32 12.84
CA ASP C 110 5.00 23.67 12.93
C ASP C 110 5.69 22.92 14.07
N ARG C 111 5.03 22.82 15.22
CA ARG C 111 5.64 22.14 16.36
C ARG C 111 5.80 20.65 16.09
N VAL C 112 4.77 20.01 15.54
CA VAL C 112 4.79 18.56 15.36
C VAL C 112 5.73 18.18 14.24
N ILE C 113 5.63 18.86 13.09
CA ILE C 113 6.58 18.60 12.00
C ILE C 113 8.00 18.83 12.49
N GLY C 114 8.20 19.87 13.29
CA GLY C 114 9.55 20.23 13.72
C GLY C 114 10.24 19.14 14.52
N VAL C 115 9.50 18.47 15.41
CA VAL C 115 10.11 17.42 16.23
C VAL C 115 10.10 16.09 15.51
N ASN C 116 8.92 15.71 14.99
CA ASN C 116 8.74 14.35 14.50
C ASN C 116 9.48 14.11 13.20
N LEU C 117 9.40 15.04 12.26
CA LEU C 117 10.05 14.84 10.98
C LEU C 117 11.42 15.50 10.93
N GLU C 118 11.48 16.80 11.23
CA GLU C 118 12.74 17.49 11.06
C GLU C 118 13.76 17.02 12.09
N GLY C 119 13.31 16.68 13.29
CA GLY C 119 14.22 16.13 14.29
C GLY C 119 14.74 14.76 13.89
N ALA C 120 13.88 13.91 13.34
CA ALA C 120 14.34 12.60 12.90
C ALA C 120 15.35 12.74 11.77
N PHE C 121 15.11 13.69 10.86
CA PHE C 121 16.09 13.94 9.80
C PHE C 121 17.42 14.39 10.40
N ASN C 122 17.38 15.37 11.32
CA ASN C 122 18.61 15.89 11.91
C ASN C 122 19.45 14.79 12.53
N VAL C 123 18.83 13.96 13.37
CA VAL C 123 19.57 12.93 14.10
C VAL C 123 20.05 11.85 13.14
N SER C 124 19.18 11.40 12.23
CA SER C 124 19.56 10.38 11.26
C SER C 124 20.74 10.85 10.42
N HIS C 125 20.64 12.05 9.85
CA HIS C 125 21.69 12.53 8.96
C HIS C 125 23.00 12.70 9.72
N ALA C 126 22.95 13.23 10.93
CA ALA C 126 24.18 13.49 11.65
C ALA C 126 24.90 12.22 12.06
N LEU C 127 24.16 11.13 12.28
N LEU C 127 24.16 11.14 12.26
CA LEU C 127 24.76 9.89 12.76
CA LEU C 127 24.71 9.89 12.77
C LEU C 127 25.13 8.93 11.66
C LEU C 127 25.19 8.95 11.66
N VAL C 128 25.03 9.33 10.39
CA VAL C 128 25.43 8.44 9.29
C VAL C 128 26.89 8.02 9.40
N PRO C 129 27.85 8.91 9.66
CA PRO C 129 29.24 8.43 9.81
C PRO C 129 29.41 7.35 10.88
N ALA C 130 28.76 7.51 12.04
CA ALA C 130 28.86 6.51 13.08
C ALA C 130 28.17 5.21 12.69
N LEU C 131 27.01 5.30 12.04
CA LEU C 131 26.32 4.10 11.59
C LEU C 131 27.13 3.37 10.53
N LYS C 132 27.82 4.11 9.66
CA LYS C 132 28.67 3.47 8.66
C LYS C 132 29.80 2.70 9.31
N ALA C 133 30.44 3.28 10.33
CA ALA C 133 31.60 2.64 10.93
C ALA C 133 31.23 1.33 11.61
N ALA C 134 29.99 1.23 12.12
CA ALA C 134 29.53 0.04 12.81
C ALA C 134 28.65 -0.86 11.94
N LYS C 135 28.34 -0.44 10.71
CA LYS C 135 27.29 -1.09 9.92
CA LYS C 135 27.29 -1.10 9.93
C LYS C 135 26.05 -1.28 10.78
N GLY C 136 25.63 -0.19 11.43
CA GLY C 136 24.49 -0.21 12.31
C GLY C 136 23.18 -0.12 11.55
N ASN C 137 22.10 0.03 12.31
CA ASN C 137 20.80 0.14 11.68
C ASN C 137 19.97 1.17 12.42
N VAL C 138 18.91 1.62 11.76
CA VAL C 138 18.03 2.67 12.26
C VAL C 138 16.62 2.11 12.36
N VAL C 139 15.95 2.41 13.46
CA VAL C 139 14.53 2.14 13.60
C VAL C 139 13.82 3.46 13.89
N HIS C 140 12.97 3.90 12.97
CA HIS C 140 12.15 5.09 13.21
C HIS C 140 10.86 4.69 13.89
N LEU C 141 10.26 5.67 14.59
CA LEU C 141 8.89 5.51 15.09
C LEU C 141 7.91 6.13 14.10
N CYS C 142 7.28 5.28 13.28
CA CYS C 142 6.20 5.70 12.42
C CYS C 142 4.89 5.60 13.22
N SER C 143 3.78 5.32 12.55
CA SER C 143 2.48 5.27 13.20
C SER C 143 1.48 4.71 12.20
N VAL C 144 0.37 4.17 12.71
CA VAL C 144 -0.74 3.91 11.79
C VAL C 144 -1.15 5.18 11.07
N ALA C 145 -0.90 6.36 11.66
CA ALA C 145 -1.21 7.63 11.02
C ALA C 145 -0.36 7.92 9.79
N GLY C 146 0.71 7.14 9.56
CA GLY C 146 1.44 7.23 8.32
C GLY C 146 0.82 6.48 7.15
N PHE C 147 -0.30 5.80 7.38
CA PHE C 147 -1.01 5.02 6.38
C PHE C 147 -2.44 5.47 6.13
N VAL C 148 -3.13 5.96 7.17
CA VAL C 148 -4.48 6.50 7.09
C VAL C 148 -4.53 7.73 7.99
N SER C 149 -5.59 8.53 7.84
CA SER C 149 -5.65 9.76 8.62
C SER C 149 -5.97 9.49 10.09
N GLY C 150 -6.80 8.48 10.38
CA GLY C 150 -7.12 8.19 11.77
C GLY C 150 -7.71 9.41 12.45
N GLY C 151 -7.31 9.65 13.70
CA GLY C 151 -7.89 10.75 14.45
C GLY C 151 -6.90 11.84 14.85
N SER C 152 -5.65 11.74 14.38
CA SER C 152 -4.60 12.65 14.80
C SER C 152 -4.62 13.97 14.01
N THR C 153 -3.95 14.98 14.56
CA THR C 153 -3.91 16.28 13.90
C THR C 153 -3.08 16.20 12.63
N ALA C 154 -3.37 17.10 11.70
CA ALA C 154 -2.74 17.08 10.37
C ALA C 154 -1.23 17.01 10.45
N GLY C 155 -0.61 17.84 11.30
CA GLY C 155 0.83 17.81 11.38
C GLY C 155 1.36 16.45 11.85
N TYR C 156 0.61 15.76 12.71
CA TYR C 156 1.06 14.44 13.16
C TYR C 156 0.92 13.42 12.04
N VAL C 157 -0.23 13.38 11.37
CA VAL C 157 -0.45 12.46 10.25
C VAL C 157 0.63 12.66 9.19
N VAL C 158 0.85 13.92 8.80
CA VAL C 158 1.84 14.21 7.76
C VAL C 158 3.25 13.86 8.24
N SER C 159 3.55 14.12 9.51
CA SER C 159 4.88 13.80 9.99
C SER C 159 5.15 12.30 9.91
N LYS C 160 4.13 11.48 10.18
CA LYS C 160 4.32 10.04 10.17
C LYS C 160 4.33 9.47 8.75
N GLY C 161 3.52 10.02 7.83
CA GLY C 161 3.66 9.62 6.44
C GLY C 161 5.02 10.02 5.89
N ALA C 162 5.52 11.18 6.32
CA ALA C 162 6.87 11.57 5.94
C ALA C 162 7.92 10.60 6.46
N ILE C 163 7.74 10.10 7.69
N ILE C 163 7.75 10.11 7.70
CA ILE C 163 8.68 9.14 8.27
CA ILE C 163 8.70 9.15 8.25
C ILE C 163 8.63 7.82 7.49
C ILE C 163 8.63 7.81 7.51
N ARG C 164 7.44 7.41 7.06
CA ARG C 164 7.33 6.22 6.24
C ARG C 164 8.20 6.35 4.98
N SER C 165 8.09 7.48 4.29
CA SER C 165 8.93 7.74 3.13
C SER C 165 10.41 7.89 3.49
N LEU C 166 10.71 8.54 4.64
CA LEU C 166 12.11 8.68 5.04
C LEU C 166 12.76 7.32 5.26
N THR C 167 11.98 6.37 5.80
CA THR C 167 12.47 5.00 5.98
C THR C 167 12.92 4.40 4.65
N GLN C 168 12.11 4.58 3.60
CA GLN C 168 12.43 3.98 2.31
C GLN C 168 13.68 4.62 1.70
N VAL C 169 13.76 5.94 1.72
CA VAL C 169 14.86 6.57 1.00
C VAL C 169 16.17 6.48 1.79
N MET C 170 16.12 6.55 3.12
CA MET C 170 17.33 6.25 3.89
C MET C 170 17.80 4.84 3.65
N ALA C 171 16.87 3.88 3.63
CA ALA C 171 17.26 2.50 3.32
C ALA C 171 17.97 2.42 1.98
N ARG C 172 17.44 3.12 0.98
CA ARG C 172 18.04 3.09 -0.35
C ARG C 172 19.46 3.63 -0.35
N ASP C 173 19.65 4.81 0.26
CA ASP C 173 20.94 5.47 0.18
C ASP C 173 21.98 4.85 1.10
N LEU C 174 21.54 4.16 2.15
CA LEU C 174 22.49 3.63 3.12
C LEU C 174 22.74 2.14 2.95
N ALA C 175 21.95 1.45 2.13
CA ALA C 175 22.21 0.04 1.87
C ALA C 175 23.61 -0.23 1.33
N PRO C 176 24.19 0.59 0.44
CA PRO C 176 25.57 0.32 -0.01
C PRO C 176 26.57 0.32 1.12
N HIS C 177 26.22 0.90 2.26
CA HIS C 177 27.09 0.98 3.42
C HIS C 177 26.75 -0.05 4.48
N GLY C 178 25.86 -0.99 4.17
CA GLY C 178 25.54 -2.03 5.12
C GLY C 178 24.64 -1.60 6.25
N ILE C 179 23.92 -0.49 6.08
CA ILE C 179 23.03 0.06 7.10
C ILE C 179 21.59 -0.26 6.73
N ARG C 180 20.88 -0.97 7.60
CA ARG C 180 19.45 -1.17 7.44
C ARG C 180 18.66 -0.02 8.07
N VAL C 181 17.51 0.28 7.47
CA VAL C 181 16.66 1.35 7.99
C VAL C 181 15.22 0.86 7.93
N ASN C 182 14.55 0.81 9.07
CA ASN C 182 13.19 0.32 9.16
C ASN C 182 12.41 1.21 10.11
N ALA C 183 11.13 0.91 10.29
CA ALA C 183 10.30 1.64 11.23
C ALA C 183 9.24 0.72 11.81
N VAL C 184 8.76 1.05 13.02
CA VAL C 184 7.54 0.43 13.56
CA VAL C 184 7.56 0.45 13.60
C VAL C 184 6.44 1.47 13.46
N ALA C 185 5.20 0.98 13.27
CA ALA C 185 4.02 1.82 13.14
C ALA C 185 3.02 1.42 14.22
N PRO C 186 3.15 1.95 15.43
CA PRO C 186 2.20 1.63 16.49
C PRO C 186 0.88 2.34 16.28
N GLY C 187 -0.13 1.89 17.03
CA GLY C 187 -1.36 2.63 17.15
C GLY C 187 -1.30 3.61 18.31
N ILE C 188 -2.38 3.69 19.07
CA ILE C 188 -2.37 4.44 20.31
C ILE C 188 -1.64 3.62 21.35
N MET C 189 -0.66 4.24 22.03
CA MET C 189 0.16 3.53 22.99
C MET C 189 -0.21 3.94 24.41
N MET C 190 0.10 3.05 25.35
CA MET C 190 -0.24 3.21 26.76
C MET C 190 0.33 4.50 27.35
N THR C 204 -10.06 8.56 21.49
CA THR C 204 -9.40 7.29 21.20
C THR C 204 -10.33 6.30 20.50
N ASP C 205 -11.61 6.65 20.42
CA ASP C 205 -12.58 5.76 19.79
C ASP C 205 -12.23 5.47 18.33
N TRP C 206 -11.64 6.45 17.64
CA TRP C 206 -11.27 6.22 16.24
C TRP C 206 -10.35 5.02 16.11
N PHE C 207 -9.48 4.80 17.10
CA PHE C 207 -8.61 3.63 17.09
C PHE C 207 -9.34 2.42 17.67
N MET C 208 -9.93 2.57 18.85
CA MET C 208 -10.46 1.43 19.59
C MET C 208 -11.59 0.72 18.84
N ASN C 209 -12.39 1.46 18.07
CA ASN C 209 -13.50 0.85 17.36
C ASN C 209 -13.06 0.06 16.13
N ARG C 210 -11.82 0.23 15.69
N ARG C 210 -11.82 0.24 15.67
CA ARG C 210 -11.31 -0.45 14.50
CA ARG C 210 -11.33 -0.47 14.50
C ARG C 210 -10.26 -1.50 14.80
C ARG C 210 -10.26 -1.52 14.81
N VAL C 211 -9.56 -1.40 15.94
CA VAL C 211 -8.52 -2.36 16.26
CA VAL C 211 -8.52 -2.37 16.27
C VAL C 211 -9.14 -3.75 16.44
N MET C 212 -8.50 -4.76 15.82
CA MET C 212 -9.07 -6.10 15.89
C MET C 212 -8.95 -6.69 17.29
N MET C 213 -7.85 -6.42 17.98
CA MET C 213 -7.65 -6.94 19.32
C MET C 213 -8.45 -6.20 20.38
N LYS C 214 -9.14 -5.11 20.04
CA LYS C 214 -10.03 -4.44 20.99
C LYS C 214 -9.29 -4.09 22.29
N ARG C 215 -8.05 -3.65 22.15
CA ARG C 215 -7.25 -3.21 23.29
C ARG C 215 -6.12 -2.33 22.79
N ILE C 216 -5.62 -1.50 23.69
CA ILE C 216 -4.40 -0.73 23.43
C ILE C 216 -3.20 -1.61 23.73
N GLY C 217 -2.18 -1.52 22.89
CA GLY C 217 -0.99 -2.34 23.09
C GLY C 217 -0.22 -1.92 24.34
N GLU C 218 0.34 -2.90 25.03
CA GLU C 218 1.26 -2.61 26.10
C GLU C 218 2.58 -2.10 25.52
N THR C 219 3.27 -1.25 26.30
CA THR C 219 4.51 -0.67 25.82
C THR C 219 5.53 -1.76 25.44
N SER C 220 5.60 -2.84 26.22
CA SER C 220 6.52 -3.93 25.91
C SER C 220 6.23 -4.55 24.55
N GLU C 221 4.98 -4.47 24.07
CA GLU C 221 4.61 -5.04 22.79
C GLU C 221 5.03 -4.18 21.62
N VAL C 222 5.47 -2.95 21.86
CA VAL C 222 6.11 -2.14 20.83
C VAL C 222 7.62 -2.28 20.96
N VAL C 223 8.11 -2.44 22.20
CA VAL C 223 9.56 -2.62 22.40
C VAL C 223 10.04 -3.87 21.66
N ASP C 224 9.33 -4.98 21.82
CA ASP C 224 9.80 -6.24 21.22
C ASP C 224 9.96 -6.12 19.70
N PRO C 225 9.00 -5.59 18.94
CA PRO C 225 9.23 -5.41 17.50
C PRO C 225 10.39 -4.46 17.17
N VAL C 226 10.60 -3.41 17.98
CA VAL C 226 11.76 -2.54 17.76
C VAL C 226 13.05 -3.33 17.88
N VAL C 227 13.16 -4.12 18.96
CA VAL C 227 14.36 -4.94 19.17
C VAL C 227 14.55 -5.94 18.04
N PHE C 228 13.46 -6.58 17.60
CA PHE C 228 13.53 -7.48 16.44
C PHE C 228 14.13 -6.77 15.23
N LEU C 229 13.60 -5.59 14.87
CA LEU C 229 14.09 -4.91 13.69
C LEU C 229 15.55 -4.48 13.86
N ALA C 230 15.97 -4.18 15.09
CA ALA C 230 17.34 -3.75 15.35
C ALA C 230 18.34 -4.91 15.38
N SER C 231 17.88 -6.15 15.29
CA SER C 231 18.65 -7.35 15.58
C SER C 231 18.98 -8.10 14.31
N PRO C 232 19.88 -9.08 14.39
CA PRO C 232 20.18 -9.91 13.21
C PRO C 232 19.02 -10.77 12.76
N MET C 233 17.96 -10.95 13.57
CA MET C 233 16.79 -11.65 13.05
C MET C 233 16.19 -10.92 11.85
N ALA C 234 16.45 -9.63 11.73
CA ALA C 234 15.91 -8.79 10.67
C ALA C 234 17.00 -8.40 9.65
N SER C 235 18.02 -9.25 9.49
CA SER C 235 19.15 -8.87 8.64
C SER C 235 18.83 -8.81 7.15
N TYR C 236 17.68 -9.34 6.70
CA TYR C 236 17.27 -9.16 5.31
C TYR C 236 16.07 -8.21 5.20
N ILE C 237 15.84 -7.41 6.24
CA ILE C 237 14.72 -6.48 6.28
C ILE C 237 15.26 -5.07 6.24
N THR C 238 14.93 -4.33 5.19
CA THR C 238 15.24 -2.90 5.18
C THR C 238 14.20 -2.17 4.36
N GLY C 239 14.04 -0.88 4.66
CA GLY C 239 13.04 -0.06 4.01
C GLY C 239 11.61 -0.35 4.41
N THR C 240 11.41 -1.09 5.50
CA THR C 240 10.14 -1.69 5.85
C THR C 240 9.54 -0.96 7.04
N ILE C 241 8.21 -0.80 7.02
CA ILE C 241 7.47 -0.21 8.12
C ILE C 241 6.53 -1.28 8.64
N LEU C 242 6.73 -1.68 9.88
CA LEU C 242 6.01 -2.82 10.46
C LEU C 242 4.92 -2.30 11.37
N PRO C 243 3.64 -2.51 11.03
CA PRO C 243 2.55 -2.12 11.93
C PRO C 243 2.58 -2.94 13.21
N VAL C 244 2.43 -2.25 14.33
CA VAL C 244 2.30 -2.92 15.63
C VAL C 244 1.03 -2.32 16.22
N ASP C 245 -0.12 -2.80 15.72
CA ASP C 245 -1.34 -2.02 15.82
C ASP C 245 -2.58 -2.86 16.13
N GLY C 246 -2.42 -4.11 16.59
CA GLY C 246 -3.57 -4.90 16.96
C GLY C 246 -4.52 -5.17 15.82
N GLY C 247 -4.05 -5.03 14.59
CA GLY C 247 -4.86 -5.25 13.41
C GLY C 247 -5.59 -4.04 12.87
N PHE C 248 -5.35 -2.86 13.43
CA PHE C 248 -6.06 -1.65 13.01
C PHE C 248 -5.99 -1.44 11.50
N LEU C 249 -4.79 -1.50 10.91
CA LEU C 249 -4.67 -1.17 9.49
C LEU C 249 -5.23 -2.25 8.58
N ALA C 250 -5.43 -3.46 9.11
CA ALA C 250 -6.04 -4.53 8.32
C ALA C 250 -7.57 -4.50 8.38
N ALA C 251 -8.16 -3.66 9.22
CA ALA C 251 -9.60 -3.63 9.39
C ALA C 251 -10.29 -2.71 8.40
N MET D 2 -15.42 19.48 -23.09
CA MET D 2 -16.32 18.57 -22.38
C MET D 2 -17.10 19.34 -21.32
N GLU D 3 -16.69 20.58 -21.06
CA GLU D 3 -17.30 21.47 -20.07
C GLU D 3 -17.20 20.93 -18.63
N LEU D 4 -16.18 20.12 -18.33
CA LEU D 4 -16.15 19.48 -17.01
C LEU D 4 -16.02 20.49 -15.89
N LEU D 5 -15.43 21.66 -16.16
CA LEU D 5 -15.20 22.68 -15.14
C LEU D 5 -15.88 24.00 -15.51
N LYS D 6 -17.04 23.93 -16.15
CA LYS D 6 -17.68 25.12 -16.70
C LYS D 6 -17.94 26.18 -15.62
N GLU D 7 -17.36 27.36 -15.83
CA GLU D 7 -17.51 28.54 -14.97
C GLU D 7 -16.99 28.33 -13.55
N LYS D 8 -16.18 27.30 -13.34
CA LYS D 8 -15.53 27.10 -12.05
CA LYS D 8 -15.54 27.12 -12.05
C LYS D 8 -14.25 27.94 -11.99
N LEU D 9 -13.97 28.49 -10.81
CA LEU D 9 -12.74 29.23 -10.56
C LEU D 9 -11.66 28.27 -10.06
N VAL D 10 -10.55 28.21 -10.78
CA VAL D 10 -9.45 27.27 -10.51
C VAL D 10 -8.18 28.06 -10.25
N LEU D 11 -7.52 27.77 -9.13
CA LEU D 11 -6.21 28.32 -8.81
C LEU D 11 -5.15 27.25 -8.97
N VAL D 12 -4.10 27.54 -9.74
CA VAL D 12 -3.00 26.60 -9.97
C VAL D 12 -1.71 27.27 -9.52
N THR D 13 -0.98 26.61 -8.61
CA THR D 13 0.35 27.11 -8.27
C THR D 13 1.40 26.49 -9.18
N GLY D 14 2.55 27.16 -9.26
CA GLY D 14 3.59 26.74 -10.18
C GLY D 14 3.14 26.76 -11.62
N ALA D 15 2.29 27.72 -11.99
CA ALA D 15 1.62 27.71 -13.28
C ALA D 15 2.34 28.48 -14.36
N GLY D 16 3.54 28.98 -14.10
CA GLY D 16 4.26 29.71 -15.13
C GLY D 16 4.96 28.86 -16.17
N ARG D 17 5.07 27.55 -15.94
CA ARG D 17 5.82 26.68 -16.83
C ARG D 17 5.32 25.26 -16.63
N GLY D 18 5.69 24.40 -17.58
CA GLY D 18 5.58 22.96 -17.37
C GLY D 18 4.18 22.48 -17.08
N LEU D 19 4.07 21.50 -16.18
CA LEU D 19 2.78 20.90 -15.88
C LEU D 19 1.78 21.94 -15.39
N GLY D 20 2.24 22.88 -14.55
CA GLY D 20 1.32 23.86 -14.00
C GLY D 20 0.66 24.70 -15.08
N ALA D 21 1.45 25.15 -16.06
CA ALA D 21 0.89 25.88 -17.18
C ALA D 21 -0.06 25.00 -17.98
N ALA D 22 0.25 23.71 -18.10
CA ALA D 22 -0.60 22.82 -18.88
C ALA D 22 -1.90 22.52 -18.15
N ILE D 23 -1.85 22.36 -16.82
CA ILE D 23 -3.07 22.20 -16.05
C ILE D 23 -3.95 23.43 -16.19
N SER D 24 -3.33 24.62 -16.17
CA SER D 24 -4.10 25.86 -16.29
C SER D 24 -4.81 25.93 -17.64
N SER D 25 -4.08 25.63 -18.71
N SER D 25 -4.08 25.63 -18.71
CA SER D 25 -4.69 25.61 -20.04
CA SER D 25 -4.69 25.61 -20.04
C SER D 25 -5.78 24.55 -20.13
C SER D 25 -5.78 24.55 -20.12
N GLY D 26 -5.53 23.37 -19.57
CA GLY D 26 -6.51 22.31 -19.63
C GLY D 26 -7.79 22.64 -18.90
N ALA D 27 -7.67 23.31 -17.74
CA ALA D 27 -8.86 23.72 -17.01
C ALA D 27 -9.65 24.75 -17.79
N ALA D 28 -8.95 25.71 -18.40
CA ALA D 28 -9.62 26.70 -19.25
C ALA D 28 -10.34 26.03 -20.41
N GLU D 29 -9.71 25.03 -21.04
CA GLU D 29 -10.37 24.34 -22.13
CA GLU D 29 -10.35 24.30 -22.12
C GLU D 29 -11.60 23.58 -21.67
N GLN D 30 -11.69 23.24 -20.38
CA GLN D 30 -12.87 22.62 -19.80
C GLN D 30 -13.83 23.64 -19.21
N GLY D 31 -13.66 24.92 -19.55
CA GLY D 31 -14.61 25.96 -19.22
C GLY D 31 -14.30 26.75 -17.97
N ALA D 32 -13.17 26.52 -17.32
CA ALA D 32 -12.87 27.18 -16.07
C ALA D 32 -12.29 28.57 -16.26
N ARG D 33 -12.51 29.41 -15.25
CA ARG D 33 -11.77 30.65 -15.07
CA ARG D 33 -11.77 30.65 -15.07
C ARG D 33 -10.55 30.34 -14.22
N VAL D 34 -9.38 30.77 -14.65
CA VAL D 34 -8.15 30.29 -14.05
C VAL D 34 -7.32 31.43 -13.46
N ILE D 35 -6.85 31.23 -12.24
CA ILE D 35 -5.85 32.07 -11.60
C ILE D 35 -4.53 31.30 -11.60
N LEU D 36 -3.54 31.82 -12.31
CA LEU D 36 -2.23 31.19 -12.44
C LEU D 36 -1.25 31.95 -11.57
N VAL D 37 -0.61 31.25 -10.64
CA VAL D 37 0.42 31.89 -9.82
C VAL D 37 1.71 31.07 -9.89
N ASP D 38 2.83 31.77 -9.77
CA ASP D 38 4.15 31.19 -9.92
C ASP D 38 5.14 32.05 -9.17
N ILE D 39 6.27 31.46 -8.77
CA ILE D 39 7.35 32.24 -8.17
C ILE D 39 7.84 33.29 -9.15
N ASP D 40 7.70 33.02 -10.44
CA ASP D 40 8.03 33.97 -11.51
C ASP D 40 6.71 34.57 -11.97
N GLY D 41 6.38 35.76 -11.46
CA GLY D 41 5.11 36.36 -11.81
C GLY D 41 5.04 36.76 -13.27
N THR D 42 6.19 37.08 -13.86
CA THR D 42 6.21 37.40 -15.29
C THR D 42 5.77 36.20 -16.12
N ALA D 43 6.25 35.01 -15.78
CA ALA D 43 5.85 33.80 -16.51
C ALA D 43 4.38 33.48 -16.28
N ALA D 44 3.89 33.66 -15.04
CA ALA D 44 2.48 33.40 -14.78
C ALA D 44 1.59 34.33 -15.59
N LYS D 45 1.95 35.61 -15.66
CA LYS D 45 1.15 36.54 -16.44
C LYS D 45 1.28 36.26 -17.93
N ALA D 46 2.44 35.80 -18.39
CA ALA D 46 2.57 35.45 -19.81
C ALA D 46 1.68 34.26 -20.17
N GLN D 47 1.63 33.25 -19.29
CA GLN D 47 0.72 32.14 -19.52
C GLN D 47 -0.73 32.60 -19.48
N ALA D 48 -1.07 33.45 -18.51
CA ALA D 48 -2.44 33.94 -18.40
C ALA D 48 -2.83 34.77 -19.62
N ASP D 49 -1.90 35.60 -20.12
CA ASP D 49 -2.21 36.42 -21.27
C ASP D 49 -2.40 35.58 -22.54
N ALA D 50 -1.66 34.48 -22.67
CA ALA D 50 -1.88 33.59 -23.81
C ALA D 50 -3.26 32.95 -23.75
N LEU D 51 -3.73 32.62 -22.54
CA LEU D 51 -5.09 32.11 -22.40
C LEU D 51 -6.12 33.19 -22.72
N THR D 52 -5.88 34.43 -22.25
CA THR D 52 -6.80 35.51 -22.56
C THR D 52 -6.88 35.77 -24.07
N ALA D 53 -5.74 35.66 -24.77
CA ALA D 53 -5.74 35.87 -26.21
C ALA D 53 -6.61 34.84 -26.93
N LYS D 54 -6.79 33.66 -26.33
CA LYS D 54 -7.64 32.63 -26.91
C LYS D 54 -9.08 32.73 -26.45
N GLY D 55 -9.44 33.81 -25.76
CA GLY D 55 -10.80 34.01 -25.33
C GLY D 55 -11.17 33.40 -24.00
N PHE D 56 -10.20 32.90 -23.24
CA PHE D 56 -10.47 32.39 -21.91
C PHE D 56 -10.37 33.50 -20.88
N VAL D 57 -10.86 33.20 -19.68
CA VAL D 57 -10.79 34.14 -18.56
C VAL D 57 -9.67 33.65 -17.65
N ALA D 58 -8.60 34.43 -17.57
CA ALA D 58 -7.42 34.03 -16.81
C ALA D 58 -6.71 35.27 -16.29
N GLU D 59 -5.96 35.09 -15.20
CA GLU D 59 -5.09 36.14 -14.67
C GLU D 59 -3.88 35.46 -14.03
N GLY D 60 -2.77 36.19 -14.00
CA GLY D 60 -1.53 35.66 -13.45
C GLY D 60 -1.00 36.54 -12.33
N HIS D 61 -0.34 35.90 -11.36
CA HIS D 61 0.29 36.64 -10.27
C HIS D 61 1.56 35.94 -9.83
N ALA D 62 2.47 36.73 -9.26
CA ALA D 62 3.60 36.13 -8.54
C ALA D 62 3.13 35.60 -7.20
N LEU D 63 3.62 34.41 -6.84
CA LEU D 63 3.39 33.89 -5.48
C LEU D 63 4.55 33.02 -5.08
N ASP D 64 5.18 33.36 -3.95
CA ASP D 64 6.14 32.51 -3.27
C ASP D 64 5.37 31.71 -2.23
N VAL D 65 5.17 30.42 -2.50
CA VAL D 65 4.35 29.60 -1.61
C VAL D 65 4.97 29.40 -0.23
N THR D 66 6.27 29.71 -0.05
CA THR D 66 6.90 29.63 1.26
C THR D 66 6.66 30.87 2.10
N ASP D 67 6.06 31.92 1.53
CA ASP D 67 5.85 33.20 2.21
C ASP D 67 4.40 33.20 2.71
N ARG D 68 4.22 32.96 4.02
CA ARG D 68 2.87 32.83 4.55
C ARG D 68 2.09 34.14 4.45
N ASP D 69 2.78 35.28 4.60
CA ASP D 69 2.08 36.55 4.44
C ASP D 69 1.57 36.72 3.02
N ALA D 70 2.40 36.37 2.02
CA ALA D 70 1.99 36.55 0.64
C ALA D 70 0.88 35.57 0.26
N VAL D 71 0.93 34.36 0.82
CA VAL D 71 -0.12 33.39 0.57
C VAL D 71 -1.44 33.86 1.17
N ALA D 72 -1.38 34.38 2.40
CA ALA D 72 -2.59 34.88 3.04
C ALA D 72 -3.18 36.05 2.26
N ALA D 73 -2.33 36.93 1.71
CA ALA D 73 -2.81 38.06 0.95
C ALA D 73 -3.54 37.61 -0.31
N LEU D 74 -3.03 36.56 -0.96
CA LEU D 74 -3.71 36.05 -2.15
C LEU D 74 -5.04 35.40 -1.78
N ALA D 75 -5.06 34.60 -0.70
CA ALA D 75 -6.32 34.00 -0.26
C ALA D 75 -7.36 35.06 0.09
N ASP D 76 -6.93 36.12 0.77
CA ASP D 76 -7.84 37.23 1.09
C ASP D 76 -8.36 37.87 -0.18
N ASP D 77 -7.49 38.05 -1.17
CA ASP D 77 -7.89 38.66 -2.43
C ASP D 77 -8.94 37.82 -3.15
N ILE D 78 -8.71 36.50 -3.22
CA ILE D 78 -9.64 35.61 -3.90
C ILE D 78 -11.00 35.62 -3.21
N LEU D 79 -11.01 35.53 -1.88
CA LEU D 79 -12.28 35.53 -1.16
C LEU D 79 -13.02 36.85 -1.35
N SER D 80 -12.30 37.97 -1.31
CA SER D 80 -12.95 39.27 -1.44
C SER D 80 -13.46 39.50 -2.86
N ARG D 81 -12.68 39.13 -3.87
CA ARG D 81 -13.06 39.44 -5.25
C ARG D 81 -14.05 38.43 -5.81
N PHE D 82 -13.92 37.16 -5.45
CA PHE D 82 -14.71 36.11 -6.08
C PHE D 82 -15.67 35.39 -5.15
N GLY D 83 -15.52 35.52 -3.84
CA GLY D 83 -16.43 34.91 -2.90
C GLY D 83 -16.18 33.44 -2.61
N GLY D 84 -15.17 32.86 -3.22
CA GLY D 84 -14.92 31.43 -3.04
C GLY D 84 -13.95 30.95 -4.09
N LEU D 85 -13.58 29.67 -3.95
CA LEU D 85 -12.66 29.04 -4.89
C LEU D 85 -13.16 27.64 -5.17
N ASP D 86 -13.30 27.30 -6.46
CA ASP D 86 -13.86 26.00 -6.80
C ASP D 86 -12.82 24.90 -6.85
N VAL D 87 -11.59 25.19 -7.26
CA VAL D 87 -10.54 24.18 -7.35
C VAL D 87 -9.21 24.81 -6.98
N LEU D 88 -8.46 24.14 -6.10
CA LEU D 88 -7.07 24.45 -5.84
C LEU D 88 -6.22 23.31 -6.34
N VAL D 89 -5.24 23.60 -7.20
CA VAL D 89 -4.25 22.62 -7.65
C VAL D 89 -2.90 23.05 -7.10
N ASN D 90 -2.34 22.25 -6.19
CA ASN D 90 -1.01 22.52 -5.60
C ASN D 90 0.04 21.85 -6.45
N ASN D 91 0.58 22.59 -7.40
CA ASN D 91 1.56 22.03 -8.32
C ASN D 91 2.97 22.57 -8.12
N ALA D 92 3.14 23.72 -7.47
CA ALA D 92 4.47 24.28 -7.24
C ALA D 92 5.35 23.24 -6.54
N GLY D 93 6.55 23.04 -7.08
CA GLY D 93 7.43 22.03 -6.56
C GLY D 93 8.82 22.14 -7.15
N VAL D 94 9.80 21.63 -6.40
CA VAL D 94 11.19 21.62 -6.82
C VAL D 94 11.80 20.26 -6.46
N ALA D 95 13.01 20.03 -6.96
CA ALA D 95 13.76 18.80 -6.68
C ALA D 95 15.21 19.18 -6.46
N GLY D 96 16.08 18.19 -6.45
CA GLY D 96 17.50 18.44 -6.25
C GLY D 96 18.24 17.13 -6.32
N ARG D 97 19.57 17.22 -6.26
CA ARG D 97 20.43 16.06 -6.32
C ARG D 97 21.28 16.01 -5.06
N ALA D 98 21.15 14.91 -4.31
CA ALA D 98 21.98 14.63 -3.14
C ALA D 98 21.63 13.26 -2.58
N ALA D 99 22.63 12.45 -2.30
CA ALA D 99 22.43 11.22 -1.54
C ALA D 99 22.36 11.55 -0.06
N PHE D 100 21.68 10.69 0.69
CA PHE D 100 21.44 10.98 2.11
C PHE D 100 22.73 11.14 2.89
N ASP D 101 23.78 10.40 2.53
CA ASP D 101 25.04 10.45 3.26
C ASP D 101 25.95 11.59 2.82
N GLN D 102 25.46 12.51 2.06
CA GLN D 102 26.29 13.62 1.65
C GLN D 102 25.91 14.88 2.43
N PRO D 103 26.88 15.73 2.75
CA PRO D 103 26.54 16.98 3.45
CA PRO D 103 26.54 16.99 3.44
C PRO D 103 25.56 17.85 2.68
N GLU D 104 25.61 17.81 1.33
CA GLU D 104 24.70 18.60 0.52
C GLU D 104 23.25 18.20 0.71
N ALA D 105 22.99 17.03 1.31
CA ALA D 105 21.62 16.58 1.47
C ALA D 105 20.80 17.54 2.34
N VAL D 106 21.46 18.27 3.25
CA VAL D 106 20.74 19.12 4.19
C VAL D 106 20.14 20.33 3.47
N GLU D 107 20.96 21.03 2.68
CA GLU D 107 20.45 22.18 1.93
C GLU D 107 19.36 21.77 0.96
N VAL D 108 19.55 20.65 0.27
CA VAL D 108 18.53 20.15 -0.66
C VAL D 108 17.26 19.79 0.09
N TRP D 109 17.41 19.08 1.21
CA TRP D 109 16.26 18.74 2.04
C TRP D 109 15.46 19.97 2.44
N ASP D 110 16.13 20.99 3.01
CA ASP D 110 15.41 22.18 3.46
C ASP D 110 14.69 22.87 2.31
N ARG D 111 15.35 22.97 1.15
CA ARG D 111 14.74 23.66 0.02
C ARG D 111 13.52 22.91 -0.51
N VAL D 112 13.66 21.59 -0.67
CA VAL D 112 12.60 20.80 -1.29
C VAL D 112 11.42 20.64 -0.34
N ILE D 113 11.69 20.30 0.94
CA ILE D 113 10.62 20.27 1.93
C ILE D 113 9.90 21.62 1.99
N GLY D 114 10.66 22.70 1.93
CA GLY D 114 10.06 24.03 2.10
C GLY D 114 9.04 24.38 1.04
N VAL D 115 9.35 24.06 -0.22
CA VAL D 115 8.41 24.35 -1.31
C VAL D 115 7.34 23.26 -1.38
N ASN D 116 7.77 22.00 -1.43
CA ASN D 116 6.84 20.93 -1.83
C ASN D 116 5.85 20.62 -0.73
N LEU D 117 6.31 20.56 0.52
CA LEU D 117 5.44 20.22 1.63
C LEU D 117 4.94 21.47 2.35
N GLU D 118 5.86 22.31 2.82
CA GLU D 118 5.46 23.47 3.60
C GLU D 118 4.68 24.46 2.74
N GLY D 119 5.06 24.61 1.48
CA GLY D 119 4.32 25.49 0.60
C GLY D 119 2.93 24.96 0.29
N ALA D 120 2.80 23.64 0.11
CA ALA D 120 1.49 23.06 -0.13
C ALA D 120 0.60 23.21 1.10
N PHE D 121 1.17 23.06 2.30
CA PHE D 121 0.40 23.33 3.51
C PHE D 121 -0.04 24.80 3.58
N ASN D 122 0.88 25.73 3.29
CA ASN D 122 0.55 27.14 3.38
C ASN D 122 -0.66 27.49 2.51
N VAL D 123 -0.60 27.07 1.24
CA VAL D 123 -1.65 27.43 0.28
C VAL D 123 -2.95 26.73 0.64
N SER D 124 -2.86 25.43 0.95
CA SER D 124 -4.05 24.66 1.30
C SER D 124 -4.74 25.24 2.52
N HIS D 125 -3.98 25.52 3.58
CA HIS D 125 -4.60 26.02 4.79
C HIS D 125 -5.22 27.40 4.57
N ALA D 126 -4.54 28.26 3.83
CA ALA D 126 -5.01 29.63 3.66
C ALA D 126 -6.28 29.72 2.83
N LEU D 127 -6.47 28.78 1.90
N LEU D 127 -6.46 28.78 1.89
CA LEU D 127 -7.62 28.83 1.00
CA LEU D 127 -7.60 28.82 0.99
C LEU D 127 -8.82 28.07 1.52
C LEU D 127 -8.83 28.09 1.53
N VAL D 128 -8.74 27.50 2.72
CA VAL D 128 -9.90 26.78 3.27
C VAL D 128 -11.16 27.66 3.32
N PRO D 129 -11.12 28.92 3.78
CA PRO D 129 -12.36 29.72 3.78
C PRO D 129 -12.97 29.86 2.39
N ALA D 130 -12.14 30.08 1.37
CA ALA D 130 -12.67 30.21 0.00
C ALA D 130 -13.21 28.87 -0.50
N LEU D 131 -12.51 27.79 -0.22
CA LEU D 131 -12.99 26.47 -0.64
C LEU D 131 -14.29 26.12 0.06
N LYS D 132 -14.43 26.51 1.33
CA LYS D 132 -15.68 26.27 2.05
C LYS D 132 -16.84 26.99 1.38
N ALA D 133 -16.61 28.25 1.01
CA ALA D 133 -17.70 29.06 0.49
C ALA D 133 -18.24 28.49 -0.82
N ALA D 134 -17.38 27.86 -1.63
CA ALA D 134 -17.77 27.32 -2.92
C ALA D 134 -17.99 25.81 -2.90
N LYS D 135 -17.75 25.15 -1.77
CA LYS D 135 -17.67 23.68 -1.73
C LYS D 135 -16.76 23.19 -2.84
N GLY D 136 -15.55 23.77 -2.88
CA GLY D 136 -14.58 23.44 -3.89
C GLY D 136 -13.81 22.18 -3.53
N ASN D 137 -12.79 21.90 -4.33
CA ASN D 137 -11.98 20.71 -4.09
C ASN D 137 -10.52 21.03 -4.36
N VAL D 138 -9.64 20.15 -3.85
CA VAL D 138 -8.20 20.33 -3.91
C VAL D 138 -7.61 19.13 -4.62
N VAL D 139 -6.68 19.38 -5.54
CA VAL D 139 -5.87 18.31 -6.12
C VAL D 139 -4.42 18.65 -5.85
N HIS D 140 -3.75 17.78 -5.09
CA HIS D 140 -2.32 17.93 -4.86
C HIS D 140 -1.52 17.19 -5.94
N LEU D 141 -0.29 17.65 -6.16
CA LEU D 141 0.66 16.92 -6.99
C LEU D 141 1.51 16.05 -6.08
N CYS D 142 1.18 14.77 -6.04
CA CYS D 142 2.01 13.78 -5.36
C CYS D 142 2.98 13.22 -6.39
N SER D 143 3.43 11.98 -6.24
CA SER D 143 4.42 11.43 -7.15
C SER D 143 4.50 9.95 -6.86
N VAL D 144 5.01 9.18 -7.83
CA VAL D 144 5.37 7.80 -7.49
C VAL D 144 6.35 7.77 -6.32
N ALA D 145 7.13 8.84 -6.13
CA ALA D 145 8.05 8.93 -5.01
C ALA D 145 7.37 8.98 -3.65
N GLY D 146 6.07 9.18 -3.60
CA GLY D 146 5.34 9.10 -2.35
C GLY D 146 4.99 7.69 -1.95
N PHE D 147 5.30 6.72 -2.81
CA PHE D 147 5.01 5.31 -2.57
C PHE D 147 6.24 4.43 -2.46
N VAL D 148 7.31 4.76 -3.19
CA VAL D 148 8.58 4.03 -3.15
C VAL D 148 9.68 5.06 -3.26
N SER D 149 10.92 4.66 -2.94
CA SER D 149 12.00 5.64 -2.95
C SER D 149 12.39 6.03 -4.38
N GLY D 150 12.32 5.10 -5.33
CA GLY D 150 12.73 5.43 -6.69
C GLY D 150 14.13 6.00 -6.73
N GLY D 151 14.30 7.04 -7.54
CA GLY D 151 15.62 7.63 -7.68
C GLY D 151 15.76 9.05 -7.20
N SER D 152 14.71 9.61 -6.60
CA SER D 152 14.69 11.01 -6.21
C SER D 152 15.45 11.23 -4.88
N THR D 153 15.85 12.48 -4.66
CA THR D 153 16.55 12.83 -3.43
C THR D 153 15.61 12.72 -2.24
N ALA D 154 16.20 12.49 -1.05
CA ALA D 154 15.42 12.24 0.15
C ALA D 154 14.35 13.31 0.39
N GLY D 155 14.71 14.60 0.24
CA GLY D 155 13.73 15.63 0.50
C GLY D 155 12.54 15.55 -0.42
N TYR D 156 12.76 15.11 -1.66
CA TYR D 156 11.67 14.99 -2.61
C TYR D 156 10.78 13.79 -2.26
N VAL D 157 11.40 12.62 -2.04
CA VAL D 157 10.65 11.43 -1.63
C VAL D 157 9.81 11.73 -0.39
N VAL D 158 10.45 12.30 0.64
CA VAL D 158 9.72 12.56 1.89
C VAL D 158 8.64 13.61 1.65
N SER D 159 8.91 14.66 0.85
CA SER D 159 7.87 15.66 0.60
C SER D 159 6.66 15.04 -0.07
N LYS D 160 6.87 14.06 -0.95
CA LYS D 160 5.72 13.49 -1.64
C LYS D 160 4.98 12.45 -0.79
N GLY D 161 5.71 11.70 0.06
CA GLY D 161 5.02 10.87 1.02
C GLY D 161 4.22 11.70 2.00
N ALA D 162 4.76 12.87 2.37
CA ALA D 162 4.02 13.80 3.21
C ALA D 162 2.76 14.31 2.52
N ILE D 163 2.86 14.60 1.21
N ILE D 163 2.85 14.59 1.21
CA ILE D 163 1.69 15.06 0.45
CA ILE D 163 1.68 15.07 0.47
C ILE D 163 0.63 13.98 0.39
C ILE D 163 0.63 13.98 0.36
N ARG D 164 1.05 12.72 0.24
CA ARG D 164 0.11 11.62 0.27
C ARG D 164 -0.68 11.63 1.57
N SER D 165 0.02 11.78 2.70
CA SER D 165 -0.67 11.86 3.99
C SER D 165 -1.48 13.14 4.12
N LEU D 166 -0.96 14.28 3.63
CA LEU D 166 -1.72 15.53 3.68
C LEU D 166 -3.06 15.37 2.95
N THR D 167 -3.06 14.63 1.84
CA THR D 167 -4.29 14.40 1.09
C THR D 167 -5.34 13.73 1.95
N GLN D 168 -4.91 12.70 2.70
CA GLN D 168 -5.86 11.94 3.53
C GLN D 168 -6.41 12.80 4.66
N VAL D 169 -5.54 13.52 5.37
CA VAL D 169 -6.04 14.22 6.56
C VAL D 169 -6.79 15.49 6.18
N MET D 170 -6.40 16.17 5.10
CA MET D 170 -7.22 17.27 4.62
C MET D 170 -8.59 16.77 4.21
N ALA D 171 -8.62 15.61 3.54
CA ALA D 171 -9.91 15.06 3.13
C ALA D 171 -10.79 14.81 4.34
N ARG D 172 -10.20 14.28 5.42
CA ARG D 172 -10.95 13.98 6.63
C ARG D 172 -11.50 15.27 7.25
N ASP D 173 -10.66 16.27 7.40
CA ASP D 173 -11.08 17.46 8.12
C ASP D 173 -11.98 18.37 7.29
N LEU D 174 -11.90 18.27 5.96
CA LEU D 174 -12.68 19.16 5.12
C LEU D 174 -13.92 18.51 4.53
N ALA D 175 -14.06 17.18 4.68
CA ALA D 175 -15.27 16.50 4.23
C ALA D 175 -16.55 17.07 4.84
N PRO D 176 -16.62 17.39 6.14
CA PRO D 176 -17.86 17.95 6.68
C PRO D 176 -18.27 19.25 6.03
N HIS D 177 -17.35 19.92 5.34
CA HIS D 177 -17.63 21.17 4.63
C HIS D 177 -17.84 20.96 3.14
N GLY D 178 -17.95 19.71 2.69
CA GLY D 178 -18.22 19.46 1.28
C GLY D 178 -17.04 19.64 0.36
N ILE D 179 -15.82 19.59 0.90
CA ILE D 179 -14.58 19.79 0.15
C ILE D 179 -13.93 18.43 -0.06
N ARG D 180 -13.76 18.03 -1.32
CA ARG D 180 -12.98 16.84 -1.62
C ARG D 180 -11.50 17.20 -1.76
N VAL D 181 -10.63 16.27 -1.38
CA VAL D 181 -9.19 16.47 -1.46
C VAL D 181 -8.57 15.19 -2.01
N ASN D 182 -7.85 15.31 -3.12
CA ASN D 182 -7.26 14.17 -3.81
C ASN D 182 -5.89 14.57 -4.32
N ALA D 183 -5.19 13.60 -4.92
CA ALA D 183 -3.89 13.91 -5.52
C ALA D 183 -3.68 13.00 -6.72
N VAL D 184 -2.88 13.49 -7.67
N VAL D 184 -2.83 13.47 -7.63
CA VAL D 184 -2.34 12.62 -8.70
CA VAL D 184 -2.32 12.68 -8.75
C VAL D 184 -0.91 12.30 -8.31
C VAL D 184 -0.86 12.38 -8.49
N ALA D 185 -0.44 11.13 -8.74
CA ALA D 185 0.94 10.70 -8.48
C ALA D 185 1.61 10.38 -9.80
N PRO D 186 2.17 11.36 -10.49
CA PRO D 186 2.83 11.08 -11.77
C PRO D 186 4.16 10.36 -11.58
N GLY D 187 4.59 9.74 -12.66
CA GLY D 187 5.97 9.33 -12.81
C GLY D 187 6.83 10.51 -13.25
N ILE D 188 7.87 10.21 -14.01
CA ILE D 188 8.70 11.25 -14.62
C ILE D 188 7.95 11.85 -15.81
N MET D 189 8.04 13.17 -15.95
CA MET D 189 7.18 13.91 -16.85
C MET D 189 7.95 14.54 -18.00
N MET D 190 7.27 14.68 -19.14
CA MET D 190 7.85 15.41 -20.27
C MET D 190 8.22 16.83 -19.88
N SER D 191 7.42 17.45 -19.02
CA SER D 191 7.73 18.79 -18.53
C SER D 191 8.71 18.75 -17.37
N GLY D 203 20.34 8.21 -14.64
CA GLY D 203 19.54 9.41 -14.79
C GLY D 203 18.08 9.17 -14.44
N THR D 204 17.25 9.00 -15.47
CA THR D 204 15.87 8.58 -15.29
C THR D 204 15.71 7.06 -15.45
N ASP D 205 16.82 6.33 -15.52
CA ASP D 205 16.76 4.90 -15.82
C ASP D 205 15.93 4.15 -14.79
N TRP D 206 15.99 4.56 -13.52
CA TRP D 206 15.21 3.87 -12.50
C TRP D 206 13.73 3.89 -12.84
N PHE D 207 13.25 4.96 -13.47
CA PHE D 207 11.86 4.99 -13.87
C PHE D 207 11.65 4.19 -15.15
N MET D 208 12.47 4.44 -16.18
CA MET D 208 12.23 3.82 -17.47
C MET D 208 12.31 2.30 -17.40
N ASN D 209 13.20 1.76 -16.56
CA ASN D 209 13.32 0.31 -16.48
C ASN D 209 12.06 -0.36 -15.94
N ARG D 210 11.24 0.36 -15.19
N ARG D 210 11.24 0.35 -15.16
CA ARG D 210 10.08 -0.23 -14.53
CA ARG D 210 10.06 -0.23 -14.51
C ARG D 210 8.75 0.15 -15.15
C ARG D 210 8.73 0.25 -15.09
N VAL D 211 8.67 1.26 -15.89
N VAL D 211 8.72 1.27 -15.95
CA VAL D 211 7.40 1.73 -16.41
CA VAL D 211 7.49 1.71 -16.58
C VAL D 211 6.92 0.78 -17.52
C VAL D 211 6.98 0.62 -17.50
N MET D 212 5.72 0.22 -17.30
CA MET D 212 5.20 -0.81 -18.20
C MET D 212 4.99 -0.28 -19.61
N MET D 213 4.56 0.97 -19.75
CA MET D 213 4.33 1.51 -21.07
C MET D 213 5.62 1.89 -21.80
N LYS D 214 6.77 1.81 -21.13
CA LYS D 214 8.06 2.04 -21.77
C LYS D 214 8.09 3.38 -22.51
N ARG D 215 7.55 4.40 -21.85
CA ARG D 215 7.56 5.75 -22.38
C ARG D 215 7.31 6.73 -21.25
N ILE D 216 7.77 7.97 -21.46
CA ILE D 216 7.47 9.06 -20.54
C ILE D 216 6.06 9.57 -20.84
N GLY D 217 5.31 9.91 -19.80
CA GLY D 217 3.95 10.38 -20.05
C GLY D 217 3.96 11.76 -20.70
N GLU D 218 3.00 11.99 -21.59
CA GLU D 218 2.81 13.33 -22.12
C GLU D 218 2.17 14.21 -21.05
N THR D 219 2.46 15.50 -21.11
N THR D 219 2.45 15.51 -21.10
CA THR D 219 1.91 16.40 -20.11
CA THR D 219 1.90 16.38 -20.06
C THR D 219 0.39 16.32 -20.08
C THR D 219 0.38 16.38 -20.06
N SER D 220 -0.24 16.24 -21.25
CA SER D 220 -1.69 16.16 -21.32
C SER D 220 -2.25 14.91 -20.63
N GLU D 221 -1.45 13.86 -20.53
CA GLU D 221 -1.88 12.64 -19.87
C GLU D 221 -1.85 12.76 -18.36
N VAL D 222 -1.24 13.81 -17.82
CA VAL D 222 -1.34 14.10 -16.39
C VAL D 222 -2.41 15.16 -16.19
N VAL D 223 -2.55 16.09 -17.15
CA VAL D 223 -3.61 17.09 -17.05
C VAL D 223 -4.98 16.43 -16.98
N ASP D 224 -5.25 15.46 -17.86
CA ASP D 224 -6.58 14.86 -17.91
C ASP D 224 -6.97 14.23 -16.58
N PRO D 225 -6.14 13.44 -15.91
CA PRO D 225 -6.53 12.93 -14.59
C PRO D 225 -6.74 14.01 -13.53
N VAL D 226 -5.97 15.11 -13.58
CA VAL D 226 -6.21 16.23 -12.68
C VAL D 226 -7.60 16.82 -12.91
N VAL D 227 -7.95 17.05 -14.18
CA VAL D 227 -9.28 17.59 -14.49
C VAL D 227 -10.36 16.62 -14.04
N PHE D 228 -10.17 15.32 -14.27
CA PHE D 228 -11.11 14.32 -13.78
C PHE D 228 -11.33 14.45 -12.28
N LEU D 229 -10.25 14.50 -11.50
CA LEU D 229 -10.41 14.57 -10.05
C LEU D 229 -11.05 15.89 -9.60
N ALA D 230 -10.84 16.96 -10.35
CA ALA D 230 -11.39 18.26 -9.99
C ALA D 230 -12.86 18.41 -10.39
N SER D 231 -13.42 17.44 -11.10
CA SER D 231 -14.71 17.52 -11.75
C SER D 231 -15.77 16.70 -11.02
N PRO D 232 -17.05 16.89 -11.37
CA PRO D 232 -18.10 16.06 -10.78
C PRO D 232 -18.02 14.59 -11.15
N MET D 233 -17.22 14.21 -12.15
CA MET D 233 -17.02 12.79 -12.39
C MET D 233 -16.42 12.10 -11.17
N ALA D 234 -15.72 12.85 -10.33
CA ALA D 234 -15.05 12.32 -9.15
C ALA D 234 -15.77 12.69 -7.86
N SER D 235 -17.09 12.86 -7.92
CA SER D 235 -17.82 13.42 -6.78
C SER D 235 -17.91 12.46 -5.60
N TYR D 236 -17.61 11.17 -5.76
CA TYR D 236 -17.52 10.24 -4.63
C TYR D 236 -16.08 9.83 -4.36
N ILE D 237 -15.11 10.59 -4.84
CA ILE D 237 -13.69 10.31 -4.63
C ILE D 237 -13.11 11.38 -3.72
N THR D 238 -12.60 10.98 -2.57
CA THR D 238 -11.85 11.92 -1.74
C THR D 238 -10.81 11.13 -0.95
N GLY D 239 -9.78 11.85 -0.52
CA GLY D 239 -8.67 11.23 0.19
C GLY D 239 -7.81 10.31 -0.65
N THR D 240 -7.95 10.36 -1.97
CA THR D 240 -7.41 9.35 -2.86
C THR D 240 -6.20 9.89 -3.63
N ILE D 241 -5.21 9.03 -3.83
CA ILE D 241 -4.02 9.39 -4.61
C ILE D 241 -3.98 8.47 -5.82
N LEU D 242 -4.08 9.06 -7.02
CA LEU D 242 -4.23 8.30 -8.25
C LEU D 242 -2.90 8.26 -8.99
N PRO D 243 -2.24 7.11 -9.10
CA PRO D 243 -1.02 7.02 -9.92
C PRO D 243 -1.32 7.29 -11.38
N VAL D 244 -0.47 8.11 -11.99
CA VAL D 244 -0.53 8.37 -13.43
C VAL D 244 0.88 8.12 -13.92
N ASP D 245 1.24 6.84 -14.07
CA ASP D 245 2.65 6.46 -14.05
C ASP D 245 3.02 5.38 -15.07
N GLY D 246 2.16 5.11 -16.05
CA GLY D 246 2.49 4.13 -17.06
C GLY D 246 2.70 2.73 -16.54
N GLY D 247 2.22 2.45 -15.32
CA GLY D 247 2.35 1.13 -14.71
C GLY D 247 3.52 0.98 -13.76
N PHE D 248 4.28 2.05 -13.53
CA PHE D 248 5.49 1.97 -12.70
C PHE D 248 5.25 1.31 -11.34
N LEU D 249 4.23 1.77 -10.60
CA LEU D 249 4.03 1.25 -9.24
C LEU D 249 3.47 -0.17 -9.22
N ALA D 250 2.93 -0.66 -10.34
CA ALA D 250 2.42 -2.02 -10.42
C ALA D 250 3.50 -3.01 -10.79
N ALA D 251 4.67 -2.54 -11.19
CA ALA D 251 5.75 -3.39 -11.67
C ALA D 251 6.60 -3.96 -10.55
#